data_7SBF
#
_entry.id   7SBF
#
_cell.length_a   1.00
_cell.length_b   1.00
_cell.length_c   1.00
_cell.angle_alpha   90.00
_cell.angle_beta   90.00
_cell.angle_gamma   90.00
#
_symmetry.space_group_name_H-M   'P 1'
#
loop_
_entity.id
_entity.type
_entity.pdbx_description
1 polymer 'Guanine nucleotide-binding protein G(i) subunit alpha-1'
2 polymer 'Guanine nucleotide-binding protein G(I)/G(S)/G(T) subunit beta-1'
3 polymer 'Guanine nucleotide-binding protein G(I)/G(S)/G(O) subunit gamma-2'
4 polymer scFv16
5 polymer 'Soluble cytochrome b562, Mu-type opioid receptor chimera,Mu-type opioid receptor'
6 non-polymer "N-[(2S)-2-(dimethylamino)-3-(4-hydroxyphenyl)propyl]-N'-[(2S)-1-(thiophen-3-yl)propan-2-yl]urea"
#
loop_
_entity_poly.entity_id
_entity_poly.type
_entity_poly.pdbx_seq_one_letter_code
_entity_poly.pdbx_strand_id
1 'polypeptide(L)'
;MGCTLSAEDKAAVERSKMIDRNLREDGEKAAREVKLLLLGAGESGKSTIVKQMKIIHEAGYSEEECKQYKAVVYSNTIQS
IIAIIRAMGRLKIDFGDSARADDARQLFVLAGAAEEGFMTAELAGVIKRLWKDSGVQACFNRSREYQLNDSAAYYLNDLD
RIAQPNYIPTQQDVLRTRVKTTGIVETHFTFKDLHFKMFDVGGQRSERKKWIHCFEGVTAIIFCVALSDYDLVLAEDEEM
NRMHESMKLFDSICNNKWFTDTSIILFLNKKDLFEEKIKKSPLTICYPEYAGSNTYEEAAAYIQCQFEDLNKRKDTKEIY
THFTCATDTKNVQFVFDAVTDVIIKNNLKDCGLF
;
A
2 'polypeptide(L)'
;PGSSGSELDQLRQEAEQLKNQIRDARKACADATLSQITNNIDPVGRIQMRTRRTLRGHLAKIYAMHWGTDSRLLVSASQD
GKLIIWDSYTTNKVHAIPLRSSWVMTCAYAPSGNYVACGGLDNICSIYNLKTREGNVRVSRELAGHTGYLSCCRFLDDNQ
IVTSSGDTTCALWDIETGQQTTTFTGHTGDVMSLSLAPDTRLFVSGACDASAKLWDVREGMCRQTFTGHESDINAICFFP
NGNAFATGSDDATCRLFDLRADQELMTYSHDNIICGITSVSFSKSGRLLLAGYDDFNCNVWDALKADRAGVLAGHDNRVS
CLGVTDDGMAVATGSWDSFLKIWN
;
B
3 'polypeptide(L)' MASNNTASIAQARKLVEQLKMEANIDRIKVSKAAADLMAYCEAHAKEDPLLTPVPASENPFREKKFFCAIL C
4 'polypeptide(L)'
;DVQLVESGGGLVQPGGSRKLSCSASGFAFSSFGMHWVRQAPEKGLEWVAYISSGSGTIYYADTVKGRFTISRDDPKNTLF
LQMTSLRSEDTAMYYCVRSIYYYGSSPFDFWGQGTTLTVSSGGGGSGGGGSGGGGSDIVMTQATSSVPVTPGESVSISCR
SSKSLLHSNGNTYLYWFLQRPGQSPQLLIYRMSNLASGVPDRFSGSGSGTAFTLTISRLEAEDVGVYYCMQHLEYPLTFG
AGTKLELKAAAHHHHHHHH
;
E
5 'polypeptide(L)'
;CLVFADYKDDDDALEVLFQGPADLEDNWETLNDNLKVIEKADNAAQVKDALTKMRAAALDAQKATPPKLEDKSPDSPEMK
DFRHGFDILVGQIDDALKLANEGKVKEAQAAAEQLKTTRNAYIQKYLAGSPGARSASSLALAIAITALYSIVCVVGLFGN
FLVMYVIVRYTKMKTATNIYIFNLALADALATSTLPFQSVNYLMGTWPFGNILCKIVISIDYYNMFTSIFTLCTMSVDRY
IAVCHPVKALDFRTPRNAKIVNVCNWILSSAIGLPVMFMATTKYRQGSIDCTLTFSHPTWYWENLLKICVFIFAFIMPVL
IITVCYGLMILRLKSVRMLSGSKEKDRNLRRITRMVLVVVAVFIVCWTPIHIYVIIKALITIPETTFQTVSWHFCIALGY
TNSCLNPVLYAFLDENFKRCFREFCIPTSSTILEVLFQGPEQQNSARIRQNTREHPSTANTVDRTNHQLENLEAETAPLP
DIHHHHHH
;
R
#
loop_
_chem_comp.id
_chem_comp.type
_chem_comp.name
_chem_comp.formula
8QY non-polymer N-[(2S)-2-(dimethylamino)-3-(4-hydroxyphenyl)propyl]-N'-[(2S)-1-(thiophen-3-yl)propan-2-yl]urea 'C19 H27 N3 O2 S'
#
# COMPACT_ATOMS: atom_id res chain seq x y z
N LEU A 5 -19.21 -18.07 -11.73
CA LEU A 5 -18.04 -17.88 -10.88
C LEU A 5 -16.89 -17.20 -11.64
N SER A 6 -16.85 -15.87 -11.58
CA SER A 6 -15.78 -15.08 -12.18
C SER A 6 -15.69 -15.33 -13.69
N ALA A 7 -16.75 -14.91 -14.39
CA ALA A 7 -16.80 -15.13 -15.83
C ALA A 7 -15.93 -14.13 -16.59
N GLU A 8 -16.28 -12.86 -16.53
CA GLU A 8 -15.45 -11.78 -17.07
C GLU A 8 -14.63 -11.11 -15.98
N ASP A 9 -14.78 -11.55 -14.73
CA ASP A 9 -14.02 -11.05 -13.61
C ASP A 9 -12.61 -11.62 -13.54
N LYS A 10 -12.34 -12.70 -14.27
CA LYS A 10 -11.00 -13.27 -14.26
C LYS A 10 -9.99 -12.32 -14.88
N ALA A 11 -10.37 -11.64 -15.97
CA ALA A 11 -9.49 -10.64 -16.54
C ALA A 11 -9.31 -9.45 -15.62
N ALA A 12 -10.35 -9.09 -14.88
CA ALA A 12 -10.22 -8.02 -13.88
C ALA A 12 -9.25 -8.42 -12.78
N VAL A 13 -9.32 -9.67 -12.32
CA VAL A 13 -8.40 -10.13 -11.29
C VAL A 13 -6.98 -10.19 -11.83
N GLU A 14 -6.80 -10.60 -13.08
CA GLU A 14 -5.47 -10.60 -13.68
C GLU A 14 -4.90 -9.19 -13.78
N ARG A 15 -5.73 -8.23 -14.18
CA ARG A 15 -5.28 -6.84 -14.21
C ARG A 15 -4.92 -6.35 -12.83
N SER A 16 -5.72 -6.70 -11.83
CA SER A 16 -5.42 -6.30 -10.46
C SER A 16 -4.08 -6.85 -10.01
N LYS A 17 -3.83 -8.13 -10.29
CA LYS A 17 -2.56 -8.73 -9.90
C LYS A 17 -1.38 -8.13 -10.65
N MET A 18 -1.57 -7.78 -11.92
CA MET A 18 -0.46 -7.20 -12.68
C MET A 18 -0.11 -5.80 -12.17
N ILE A 19 -1.13 -4.96 -11.95
CA ILE A 19 -0.80 -3.64 -11.41
C ILE A 19 -0.32 -3.76 -9.97
N ASP A 20 -0.70 -4.84 -9.27
CA ASP A 20 -0.15 -5.09 -7.95
C ASP A 20 1.36 -5.40 -8.04
N ARG A 21 1.77 -6.18 -9.03
CA ARG A 21 3.21 -6.44 -9.15
C ARG A 21 3.96 -5.20 -9.59
N ASN A 22 3.34 -4.34 -10.41
CA ASN A 22 3.96 -3.06 -10.72
C ASN A 22 4.11 -2.19 -9.48
N LEU A 23 3.09 -2.18 -8.62
CA LEU A 23 3.21 -1.46 -7.34
C LEU A 23 4.34 -2.03 -6.50
N ARG A 24 4.45 -3.37 -6.46
CA ARG A 24 5.49 -4.01 -5.67
C ARG A 24 6.87 -3.63 -6.16
N GLU A 25 7.09 -3.65 -7.48
CA GLU A 25 8.41 -3.32 -7.98
C GLU A 25 8.72 -1.84 -7.84
N ASP A 26 7.71 -0.97 -7.99
CA ASP A 26 7.93 0.46 -7.76
C ASP A 26 8.30 0.73 -6.31
N GLY A 27 7.63 0.05 -5.37
CA GLY A 27 7.98 0.20 -3.98
C GLY A 27 9.36 -0.34 -3.64
N GLU A 28 9.73 -1.46 -4.27
CA GLU A 28 11.08 -1.99 -4.08
C GLU A 28 12.12 -1.01 -4.59
N LYS A 29 11.87 -0.40 -5.75
CA LYS A 29 12.79 0.60 -6.27
C LYS A 29 12.88 1.81 -5.34
N ALA A 30 11.73 2.25 -4.79
CA ALA A 30 11.74 3.41 -3.92
C ALA A 30 12.36 3.10 -2.56
N ALA A 31 12.34 1.84 -2.15
CA ALA A 31 12.93 1.46 -0.87
C ALA A 31 14.44 1.38 -0.90
N ARG A 32 15.05 1.42 -2.08
CA ARG A 32 16.49 1.40 -2.24
C ARG A 32 17.09 2.79 -2.36
N GLU A 33 16.33 3.83 -2.03
CA GLU A 33 16.77 5.20 -2.22
C GLU A 33 16.68 5.94 -0.89
N VAL A 34 17.73 6.67 -0.55
CA VAL A 34 17.86 7.30 0.75
C VAL A 34 17.26 8.69 0.68
N LYS A 35 16.36 8.98 1.61
CA LYS A 35 15.66 10.27 1.66
C LYS A 35 16.27 11.12 2.77
N LEU A 36 16.58 12.36 2.44
CA LEU A 36 17.15 13.33 3.38
C LEU A 36 16.23 14.54 3.43
N LEU A 37 16.06 15.09 4.61
CA LEU A 37 15.23 16.29 4.79
C LEU A 37 16.14 17.46 5.14
N LEU A 38 16.16 18.47 4.27
CA LEU A 38 17.05 19.61 4.43
C LEU A 38 16.32 20.73 5.16
N LEU A 39 16.88 21.17 6.28
CA LEU A 39 16.27 22.18 7.13
C LEU A 39 17.32 23.19 7.54
N GLY A 40 16.85 24.31 8.07
CA GLY A 40 17.70 25.38 8.52
C GLY A 40 16.98 26.71 8.45
N ALA A 41 17.53 27.70 9.15
CA ALA A 41 16.94 29.02 9.14
C ALA A 41 17.16 29.70 7.79
N GLY A 42 16.44 30.80 7.58
CA GLY A 42 16.59 31.55 6.35
C GLY A 42 17.94 32.24 6.25
N GLU A 43 18.32 32.54 5.01
CA GLU A 43 19.59 33.20 4.69
C GLU A 43 20.79 32.40 5.17
N SER A 44 20.61 31.11 5.39
CA SER A 44 21.69 30.23 5.82
C SER A 44 22.40 29.65 4.59
N GLY A 45 23.22 28.64 4.81
CA GLY A 45 23.90 27.97 3.72
C GLY A 45 23.10 26.80 3.17
N LYS A 46 21.80 26.80 3.44
CA LYS A 46 20.95 25.70 2.99
C LYS A 46 21.00 25.56 1.46
N SER A 47 21.00 26.69 0.75
CA SER A 47 21.05 26.63 -0.70
C SER A 47 22.45 26.27 -1.19
N THR A 48 23.49 26.79 -0.54
CA THR A 48 24.84 26.63 -1.05
C THR A 48 25.37 25.21 -0.92
N ILE A 49 24.71 24.34 -0.16
CA ILE A 49 25.13 22.95 -0.12
C ILE A 49 24.50 22.13 -1.24
N VAL A 50 23.39 22.60 -1.81
CA VAL A 50 22.81 21.94 -2.98
C VAL A 50 23.76 22.07 -4.17
N LYS A 51 24.45 23.21 -4.27
CA LYS A 51 25.48 23.36 -5.29
C LYS A 51 26.63 22.40 -5.05
N GLN A 52 26.93 22.09 -3.79
CA GLN A 52 27.93 21.07 -3.48
C GLN A 52 27.51 19.70 -3.97
N MET A 53 26.20 19.47 -4.13
CA MET A 53 25.70 18.26 -4.73
C MET A 53 25.61 18.43 -6.25
N LYS A 54 25.75 17.32 -6.96
CA LYS A 54 25.73 17.37 -8.42
C LYS A 54 24.37 17.77 -8.97
N ILE A 55 23.31 17.64 -8.15
CA ILE A 55 21.95 18.00 -8.55
C ILE A 55 21.53 17.33 -9.85
N THR A 182 5.67 27.09 -5.18
CA THR A 182 6.09 25.71 -4.97
C THR A 182 6.59 25.51 -3.54
N GLY A 183 5.97 24.57 -2.83
CA GLY A 183 6.25 24.40 -1.42
C GLY A 183 7.13 23.22 -1.06
N ILE A 184 7.47 22.40 -2.06
CA ILE A 184 8.39 21.28 -1.86
C ILE A 184 9.40 21.31 -3.00
N VAL A 185 10.65 21.01 -2.67
CA VAL A 185 11.72 20.92 -3.67
C VAL A 185 12.41 19.58 -3.49
N GLU A 186 12.55 18.83 -4.58
CA GLU A 186 13.23 17.54 -4.55
C GLU A 186 14.50 17.62 -5.41
N THR A 187 15.59 17.13 -4.85
CA THR A 187 16.89 17.11 -5.55
C THR A 187 17.39 15.67 -5.54
N HIS A 188 17.51 15.07 -6.72
CA HIS A 188 18.02 13.72 -6.83
C HIS A 188 19.50 13.78 -7.19
N PHE A 189 20.31 13.02 -6.46
CA PHE A 189 21.71 12.89 -6.85
C PHE A 189 22.26 11.56 -6.40
N THR A 190 23.10 10.97 -7.22
CA THR A 190 23.68 9.66 -6.96
C THR A 190 25.16 9.79 -6.64
N PHE A 191 25.63 8.93 -5.74
CA PHE A 191 27.03 8.98 -5.31
C PHE A 191 27.43 7.60 -4.81
N LYS A 192 28.41 6.99 -5.47
CA LYS A 192 28.94 5.69 -5.11
C LYS A 192 27.83 4.63 -5.04
N ASP A 193 27.04 4.56 -6.12
CA ASP A 193 25.97 3.58 -6.26
C ASP A 193 24.92 3.73 -5.16
N LEU A 194 24.73 4.95 -4.67
CA LEU A 194 23.68 5.26 -3.71
C LEU A 194 22.93 6.48 -4.20
N HIS A 195 21.60 6.41 -4.15
CA HIS A 195 20.74 7.46 -4.67
C HIS A 195 20.12 8.22 -3.50
N PHE A 196 20.23 9.55 -3.54
CA PHE A 196 19.72 10.42 -2.49
C PHE A 196 18.64 11.33 -3.06
N LYS A 197 17.50 11.38 -2.38
CA LYS A 197 16.45 12.36 -2.62
C LYS A 197 16.51 13.35 -1.47
N MET A 198 16.89 14.59 -1.75
CA MET A 198 16.96 15.64 -0.75
C MET A 198 15.72 16.52 -0.89
N PHE A 199 14.95 16.64 0.19
CA PHE A 199 13.71 17.42 0.19
C PHE A 199 13.95 18.73 0.92
N ASP A 200 13.86 19.84 0.20
CA ASP A 200 13.88 21.16 0.78
C ASP A 200 12.45 21.64 0.99
N VAL A 201 12.14 22.03 2.22
CA VAL A 201 10.79 22.44 2.60
C VAL A 201 10.73 23.88 3.05
N GLY A 202 11.85 24.61 2.99
CA GLY A 202 11.87 25.97 3.51
C GLY A 202 10.97 26.93 2.77
N GLY A 203 10.65 26.64 1.51
CA GLY A 203 9.80 27.52 0.74
C GLY A 203 8.32 27.28 0.96
N GLN A 204 7.95 26.94 2.19
CA GLN A 204 6.55 26.69 2.54
C GLN A 204 6.29 27.29 3.92
N ARG A 205 5.46 28.32 3.97
CA ARG A 205 5.13 29.01 5.21
C ARG A 205 3.78 28.50 5.70
N SER A 206 3.81 27.60 6.68
CA SER A 206 2.61 27.01 7.24
C SER A 206 2.94 26.51 8.64
N GLU A 207 1.93 26.03 9.34
CA GLU A 207 2.13 25.42 10.65
C GLU A 207 2.93 24.13 10.45
N ARG A 208 4.18 24.14 10.91
CA ARG A 208 5.07 23.01 10.65
C ARG A 208 4.53 21.71 11.23
N LYS A 209 3.81 21.78 12.34
CA LYS A 209 3.29 20.57 12.97
C LYS A 209 2.20 19.91 12.14
N LYS A 210 1.62 20.62 11.17
CA LYS A 210 0.56 20.06 10.35
C LYS A 210 1.07 19.22 9.20
N TRP A 211 2.36 19.32 8.85
CA TRP A 211 2.89 18.53 7.75
C TRP A 211 4.25 17.94 8.01
N ILE A 212 4.84 18.12 9.20
CA ILE A 212 6.16 17.54 9.43
C ILE A 212 6.06 16.03 9.62
N HIS A 213 4.91 15.54 10.08
CA HIS A 213 4.76 14.11 10.26
C HIS A 213 4.82 13.35 8.94
N CYS A 214 4.65 14.05 7.81
CA CYS A 214 4.82 13.41 6.52
C CYS A 214 6.24 12.91 6.32
N PHE A 215 7.21 13.52 7.00
CA PHE A 215 8.62 13.20 6.83
C PHE A 215 9.12 12.23 7.88
N GLU A 216 8.24 11.63 8.68
CA GLU A 216 8.64 10.55 9.55
C GLU A 216 9.18 9.40 8.72
N GLY A 217 10.22 8.75 9.23
CA GLY A 217 10.87 7.69 8.50
C GLY A 217 11.90 8.16 7.50
N VAL A 218 12.13 9.46 7.38
CA VAL A 218 13.21 9.96 6.55
C VAL A 218 14.53 9.47 7.11
N THR A 219 15.49 9.20 6.23
CA THR A 219 16.74 8.58 6.66
C THR A 219 17.55 9.51 7.56
N ALA A 220 17.64 10.79 7.21
CA ALA A 220 18.41 11.72 8.00
C ALA A 220 17.94 13.14 7.75
N ILE A 221 18.28 14.03 8.68
CA ILE A 221 17.92 15.43 8.59
C ILE A 221 19.21 16.23 8.45
N ILE A 222 19.37 16.92 7.34
CA ILE A 222 20.52 17.78 7.11
C ILE A 222 20.16 19.18 7.58
N PHE A 223 20.76 19.60 8.69
CA PHE A 223 20.47 20.90 9.29
C PHE A 223 21.62 21.84 8.98
N CYS A 224 21.32 22.95 8.32
CA CYS A 224 22.33 23.93 7.93
C CYS A 224 22.31 25.11 8.90
N VAL A 225 23.49 25.48 9.40
CA VAL A 225 23.63 26.61 10.32
C VAL A 225 24.76 27.48 9.82
N ALA A 226 24.50 28.79 9.70
CA ALA A 226 25.51 29.72 9.23
C ALA A 226 26.39 30.13 10.40
N LEU A 227 27.67 29.77 10.35
CA LEU A 227 28.60 30.14 11.41
C LEU A 227 28.90 31.63 11.43
N SER A 228 28.58 32.35 10.37
CA SER A 228 28.87 33.78 10.27
C SER A 228 27.75 34.66 10.79
N ASP A 229 26.70 34.08 11.36
CA ASP A 229 25.54 34.82 11.85
C ASP A 229 25.45 34.83 13.36
N TYR A 230 26.58 34.64 14.06
CA TYR A 230 26.54 34.67 15.52
C TYR A 230 26.24 36.06 16.05
N ASP A 231 26.69 37.10 15.35
CA ASP A 231 26.49 38.48 15.80
C ASP A 231 25.36 39.18 15.06
N LEU A 232 25.03 38.76 13.85
CA LEU A 232 23.97 39.40 13.10
C LEU A 232 22.61 39.09 13.73
N VAL A 233 21.62 39.93 13.41
CA VAL A 233 20.28 39.78 13.95
C VAL A 233 19.24 39.96 12.84
N ASN A 241 22.57 37.01 17.37
CA ASN A 241 21.16 36.72 17.62
C ASN A 241 20.67 35.58 16.74
N ARG A 242 21.05 35.60 15.46
CA ARG A 242 20.53 34.62 14.50
C ARG A 242 20.75 33.19 14.97
N MET A 243 21.88 32.91 15.61
CA MET A 243 22.08 31.57 16.15
C MET A 243 21.14 31.26 17.30
N HIS A 244 20.58 32.26 17.98
CA HIS A 244 19.57 31.93 18.99
C HIS A 244 18.34 31.30 18.35
N GLU A 245 17.84 31.89 17.25
CA GLU A 245 16.74 31.26 16.53
C GLU A 245 17.17 29.97 15.86
N SER A 246 18.42 29.89 15.39
CA SER A 246 18.90 28.66 14.80
C SER A 246 18.90 27.52 15.82
N MET A 247 19.35 27.80 17.03
CA MET A 247 19.34 26.81 18.10
C MET A 247 17.92 26.49 18.55
N LYS A 248 17.02 27.48 18.55
CA LYS A 248 15.62 27.19 18.86
C LYS A 248 15.03 26.23 17.84
N LEU A 249 15.29 26.47 16.56
CA LEU A 249 14.80 25.57 15.52
C LEU A 249 15.44 24.20 15.63
N PHE A 250 16.74 24.14 15.90
CA PHE A 250 17.42 22.86 16.06
C PHE A 250 16.85 22.08 17.23
N ASP A 251 16.59 22.75 18.34
CA ASP A 251 15.99 22.08 19.49
C ASP A 251 14.59 21.60 19.18
N SER A 252 13.80 22.42 18.48
CA SER A 252 12.44 22.03 18.15
C SER A 252 12.41 20.82 17.23
N ILE A 253 13.30 20.79 16.24
CA ILE A 253 13.23 19.73 15.24
C ILE A 253 13.94 18.47 15.72
N CYS A 254 14.95 18.61 16.56
CA CYS A 254 15.70 17.44 17.03
C CYS A 254 14.88 16.63 18.03
N ASN A 255 14.23 17.31 18.97
CA ASN A 255 13.44 16.64 20.02
C ASN A 255 11.97 16.55 19.65
N ASN A 256 11.66 16.52 18.36
CA ASN A 256 10.29 16.42 17.90
C ASN A 256 9.77 15.00 18.13
N LYS A 257 8.46 14.88 18.27
CA LYS A 257 7.85 13.58 18.55
C LYS A 257 7.98 12.60 17.40
N TRP A 258 8.24 13.09 16.18
CA TRP A 258 8.37 12.24 15.00
C TRP A 258 9.80 11.87 14.67
N PHE A 259 10.75 12.75 14.97
CA PHE A 259 12.17 12.52 14.69
C PHE A 259 12.93 12.15 15.96
N THR A 260 12.31 11.36 16.83
CA THR A 260 12.92 11.02 18.11
C THR A 260 14.21 10.22 17.95
N ASP A 261 14.40 9.54 16.83
CA ASP A 261 15.60 8.75 16.60
C ASP A 261 16.27 9.01 15.26
N THR A 262 15.70 9.88 14.42
CA THR A 262 16.30 10.18 13.14
C THR A 262 17.63 10.92 13.32
N SER A 263 18.66 10.46 12.62
CA SER A 263 19.97 11.07 12.73
C SER A 263 19.99 12.45 12.08
N ILE A 264 20.80 13.34 12.66
CA ILE A 264 20.93 14.70 12.19
C ILE A 264 22.36 14.93 11.73
N ILE A 265 22.53 15.41 10.51
CA ILE A 265 23.82 15.81 9.98
C ILE A 265 23.85 17.32 9.99
N LEU A 266 24.75 17.90 10.79
CA LEU A 266 24.80 19.34 10.99
C LEU A 266 25.92 19.94 10.15
N PHE A 267 25.57 20.86 9.27
CA PHE A 267 26.51 21.53 8.39
C PHE A 267 26.70 22.95 8.89
N LEU A 268 27.88 23.23 9.44
CA LEU A 268 28.23 24.57 9.89
C LEU A 268 28.89 25.29 8.72
N ASN A 269 28.10 26.07 8.00
CA ASN A 269 28.54 26.70 6.77
C ASN A 269 29.31 27.99 7.04
N LYS A 270 29.89 28.54 5.97
CA LYS A 270 30.58 29.83 6.00
C LYS A 270 31.67 29.86 7.06
N LYS A 271 32.40 28.75 7.21
CA LYS A 271 33.50 28.73 8.15
C LYS A 271 34.64 29.65 7.71
N ASP A 272 34.84 29.82 6.40
CA ASP A 272 35.88 30.72 5.93
C ASP A 272 35.53 32.18 6.22
N LEU A 273 34.26 32.55 6.02
CA LEU A 273 33.82 33.88 6.38
C LEU A 273 33.86 34.10 7.89
N PHE A 274 33.77 33.02 8.66
CA PHE A 274 33.84 33.08 10.12
C PHE A 274 35.24 33.43 10.63
N GLU A 275 36.26 33.38 9.75
CA GLU A 275 37.62 33.67 10.18
C GLU A 275 37.77 35.12 10.64
N GLU A 276 37.34 36.07 9.81
CA GLU A 276 37.50 37.48 10.15
C GLU A 276 36.35 38.03 10.98
N LYS A 277 35.28 37.26 11.17
CA LYS A 277 34.21 37.72 12.05
C LYS A 277 34.62 37.69 13.51
N ILE A 278 35.54 36.79 13.88
CA ILE A 278 35.97 36.68 15.27
C ILE A 278 37.15 37.57 15.62
N LYS A 279 37.94 37.98 14.62
CA LYS A 279 39.05 38.90 14.91
C LYS A 279 38.56 40.28 15.33
N LYS A 280 37.33 40.64 14.99
CA LYS A 280 36.76 41.93 15.37
C LYS A 280 35.56 41.82 16.30
N SER A 281 34.90 40.67 16.36
CA SER A 281 33.76 40.48 17.25
C SER A 281 33.85 39.11 17.91
N PRO A 282 34.03 39.05 19.22
CA PRO A 282 34.20 37.75 19.89
C PRO A 282 32.89 36.97 19.94
N LEU A 283 33.01 35.72 20.41
CA LEU A 283 31.84 34.87 20.60
C LEU A 283 31.03 35.26 21.83
N THR A 284 31.52 36.20 22.64
CA THR A 284 30.83 36.57 23.87
C THR A 284 29.45 37.18 23.59
N ILE A 285 29.31 37.87 22.45
CA ILE A 285 28.03 38.51 22.14
C ILE A 285 26.92 37.47 22.05
N CYS A 286 27.15 36.40 21.31
CA CYS A 286 26.12 35.36 21.18
C CYS A 286 25.99 34.56 22.47
N TYR A 287 27.12 34.15 23.06
CA TYR A 287 27.10 33.33 24.26
C TYR A 287 27.63 34.13 25.44
N PRO A 288 26.78 34.52 26.39
CA PRO A 288 27.26 35.31 27.53
C PRO A 288 28.27 34.58 28.40
N GLU A 289 28.17 33.25 28.50
CA GLU A 289 29.01 32.48 29.41
C GLU A 289 30.23 31.89 28.71
N TYR A 290 30.63 32.45 27.57
CA TYR A 290 31.82 31.96 26.89
C TYR A 290 33.08 32.46 27.59
N ALA A 291 34.04 31.55 27.77
CA ALA A 291 35.33 31.88 28.40
C ALA A 291 36.40 31.10 27.65
N GLY A 292 37.01 31.74 26.65
CA GLY A 292 38.05 31.10 25.88
C GLY A 292 38.66 32.07 24.90
N SER A 293 39.77 31.64 24.30
CA SER A 293 40.45 32.46 23.31
C SER A 293 39.60 32.58 22.05
N ASN A 294 39.58 33.77 21.46
CA ASN A 294 38.76 34.04 20.28
C ASN A 294 39.47 33.51 19.02
N THR A 295 39.62 32.20 18.97
CA THR A 295 40.23 31.49 17.87
C THR A 295 39.21 30.56 17.24
N TYR A 296 39.37 30.31 15.93
CA TYR A 296 38.48 29.38 15.25
C TYR A 296 38.53 28.00 15.89
N GLU A 297 39.73 27.49 16.16
CA GLU A 297 39.89 26.14 16.66
C GLU A 297 39.22 25.91 18.00
N GLU A 298 38.91 26.96 18.75
CA GLU A 298 38.19 26.83 20.01
C GLU A 298 36.76 27.35 19.94
N ALA A 299 36.53 28.50 19.31
CA ALA A 299 35.18 29.02 19.20
C ALA A 299 34.28 28.09 18.39
N ALA A 300 34.80 27.58 17.27
CA ALA A 300 34.00 26.68 16.44
C ALA A 300 33.69 25.38 17.18
N ALA A 301 34.68 24.85 17.91
CA ALA A 301 34.42 23.65 18.71
C ALA A 301 33.39 23.92 19.79
N TYR A 302 33.46 25.08 20.42
CA TYR A 302 32.47 25.43 21.44
C TYR A 302 31.08 25.53 20.85
N ILE A 303 30.96 26.11 19.64
CA ILE A 303 29.66 26.22 18.99
C ILE A 303 29.12 24.83 18.65
N GLN A 304 29.98 23.96 18.12
CA GLN A 304 29.55 22.60 17.81
C GLN A 304 29.09 21.87 19.06
N CYS A 305 29.82 22.05 20.17
CA CYS A 305 29.41 21.42 21.42
C CYS A 305 28.09 21.96 21.93
N GLN A 306 27.84 23.26 21.77
CA GLN A 306 26.55 23.82 22.13
C GLN A 306 25.43 23.20 21.29
N PHE A 307 25.67 23.04 19.99
CA PHE A 307 24.62 22.50 19.12
C PHE A 307 24.35 21.03 19.43
N GLU A 308 25.41 20.24 19.64
CA GLU A 308 25.24 18.81 19.80
C GLU A 308 24.62 18.40 21.12
N ASP A 309 24.71 19.23 22.15
CA ASP A 309 24.16 18.90 23.47
C ASP A 309 22.71 19.33 23.61
N LEU A 310 22.01 19.56 22.50
CA LEU A 310 20.61 19.93 22.52
C LEU A 310 19.67 18.73 22.41
N ASN A 311 20.21 17.52 22.33
CA ASN A 311 19.38 16.32 22.28
C ASN A 311 19.36 15.63 23.65
N LYS A 312 18.19 15.15 24.03
CA LYS A 312 18.00 14.48 25.32
C LYS A 312 18.07 12.98 25.20
N ARG A 313 18.40 12.45 24.02
CA ARG A 313 18.38 11.02 23.73
C ARG A 313 19.68 10.61 23.03
N LYS A 314 20.81 11.00 23.62
CA LYS A 314 22.10 10.76 22.99
C LYS A 314 22.40 9.27 22.79
N ASP A 315 21.71 8.39 23.52
CA ASP A 315 21.90 6.96 23.35
C ASP A 315 21.12 6.38 22.18
N THR A 316 20.15 7.11 21.64
CA THR A 316 19.31 6.58 20.57
C THR A 316 19.45 7.33 19.25
N LYS A 317 19.95 8.57 19.26
CA LYS A 317 20.19 9.32 18.04
C LYS A 317 21.59 9.88 18.06
N GLU A 318 22.15 10.07 16.86
CA GLU A 318 23.51 10.56 16.70
C GLU A 318 23.51 11.81 15.83
N ILE A 319 24.32 12.79 16.21
CA ILE A 319 24.43 14.06 15.49
C ILE A 319 25.82 14.12 14.88
N TYR A 320 25.88 14.18 13.55
CA TYR A 320 27.14 14.30 12.82
C TYR A 320 27.37 15.76 12.47
N THR A 321 28.56 16.27 12.79
CA THR A 321 28.90 17.67 12.56
C THR A 321 30.06 17.76 11.58
N HIS A 322 29.99 18.73 10.67
CA HIS A 322 31.01 18.90 9.65
C HIS A 322 31.05 20.37 9.25
N PHE A 323 32.22 20.99 9.31
CA PHE A 323 32.39 22.37 8.87
C PHE A 323 32.55 22.36 7.36
N THR A 324 31.58 22.95 6.65
CA THR A 324 31.47 22.77 5.22
C THR A 324 32.70 23.31 4.51
N CYS A 325 33.30 22.47 3.67
CA CYS A 325 34.46 22.82 2.87
C CYS A 325 34.15 22.56 1.40
N ALA A 326 34.59 23.46 0.53
CA ALA A 326 34.36 23.33 -0.90
C ALA A 326 35.45 22.54 -1.61
N THR A 327 36.41 22.00 -0.86
CA THR A 327 37.56 21.32 -1.43
C THR A 327 37.20 19.87 -1.76
N ASP A 328 37.22 19.56 -3.06
CA ASP A 328 37.01 18.20 -3.57
C ASP A 328 35.65 17.62 -3.18
N THR A 329 34.73 18.47 -2.73
CA THR A 329 33.38 18.06 -2.33
C THR A 329 33.43 16.91 -1.32
N LYS A 330 34.07 17.18 -0.18
CA LYS A 330 34.07 16.23 0.92
C LYS A 330 32.77 16.26 1.70
N ASN A 331 31.91 17.25 1.47
CA ASN A 331 30.61 17.27 2.11
C ASN A 331 29.78 16.07 1.68
N VAL A 332 29.82 15.74 0.38
CA VAL A 332 29.07 14.60 -0.11
C VAL A 332 29.61 13.31 0.53
N GLN A 333 30.92 13.23 0.71
CA GLN A 333 31.51 12.07 1.36
C GLN A 333 31.07 11.97 2.82
N PHE A 334 30.99 13.10 3.51
CA PHE A 334 30.52 13.08 4.89
C PHE A 334 29.06 12.63 4.97
N VAL A 335 28.23 13.12 4.05
CA VAL A 335 26.84 12.69 4.00
C VAL A 335 26.76 11.20 3.73
N PHE A 336 27.59 10.71 2.81
CA PHE A 336 27.61 9.28 2.50
C PHE A 336 28.00 8.45 3.71
N ASP A 337 28.99 8.92 4.48
CA ASP A 337 29.42 8.17 5.66
C ASP A 337 28.32 8.12 6.71
N ALA A 338 27.69 9.27 6.98
CA ALA A 338 26.61 9.29 7.97
C ALA A 338 25.43 8.43 7.52
N VAL A 339 25.09 8.50 6.24
CA VAL A 339 23.99 7.70 5.72
C VAL A 339 24.33 6.21 5.80
N THR A 340 25.59 5.87 5.54
CA THR A 340 25.99 4.47 5.67
C THR A 340 25.85 3.98 7.10
N ASP A 341 26.24 4.81 8.07
CA ASP A 341 26.08 4.41 9.47
C ASP A 341 24.61 4.22 9.83
N VAL A 342 23.75 5.14 9.39
CA VAL A 342 22.33 4.99 9.75
C VAL A 342 21.70 3.81 9.02
N ILE A 343 22.16 3.51 7.80
CA ILE A 343 21.67 2.32 7.10
C ILE A 343 22.10 1.07 7.84
N ILE A 344 23.33 1.03 8.33
CA ILE A 344 23.80 -0.12 9.10
C ILE A 344 22.96 -0.29 10.36
N LYS A 345 22.66 0.81 11.05
CA LYS A 345 21.83 0.72 12.24
C LYS A 345 20.42 0.21 11.90
N ASN A 346 19.84 0.70 10.80
CA ASN A 346 18.52 0.24 10.40
C ASN A 346 18.53 -1.24 10.06
N ASN A 347 19.58 -1.70 9.38
CA ASN A 347 19.70 -3.12 9.08
C ASN A 347 19.84 -3.95 10.35
N LEU A 348 20.62 -3.46 11.32
CA LEU A 348 20.75 -4.18 12.59
C LEU A 348 19.41 -4.27 13.30
N LYS A 349 18.63 -3.20 13.26
CA LYS A 349 17.29 -3.26 13.84
C LYS A 349 16.41 -4.26 13.11
N ASP A 350 16.49 -4.27 11.77
CA ASP A 350 15.62 -5.15 10.99
C ASP A 350 15.95 -6.63 11.25
N CYS A 351 17.22 -6.98 11.32
CA CYS A 351 17.64 -8.35 11.58
C CYS A 351 17.46 -8.75 13.04
N GLY A 352 17.14 -7.80 13.92
CA GLY A 352 16.95 -8.09 15.32
C GLY A 352 18.21 -8.15 16.14
N LEU A 353 19.37 -7.95 15.52
CA LEU A 353 20.61 -7.92 16.29
C LEU A 353 20.63 -6.74 17.26
N PHE A 354 20.20 -5.57 16.81
CA PHE A 354 20.23 -4.38 17.63
C PHE A 354 19.18 -4.45 18.74
N ASP B 9 -7.88 51.08 16.63
CA ASP B 9 -8.04 51.44 18.04
C ASP B 9 -9.46 51.17 18.50
N GLN B 10 -10.36 52.11 18.21
CA GLN B 10 -11.76 51.93 18.59
C GLN B 10 -12.42 50.80 17.82
N LEU B 11 -11.87 50.42 16.67
CA LEU B 11 -12.46 49.33 15.90
C LEU B 11 -12.29 47.99 16.60
N ARG B 12 -11.21 47.81 17.36
CA ARG B 12 -11.05 46.60 18.15
C ARG B 12 -12.14 46.49 19.21
N GLN B 13 -12.43 47.60 19.89
CA GLN B 13 -13.52 47.61 20.86
C GLN B 13 -14.86 47.39 20.17
N GLU B 14 -15.01 47.91 18.95
CA GLU B 14 -16.23 47.66 18.19
C GLU B 14 -16.39 46.17 17.89
N ALA B 15 -15.30 45.50 17.50
CA ALA B 15 -15.36 44.07 17.26
C ALA B 15 -15.67 43.30 18.53
N GLU B 16 -15.09 43.75 19.65
CA GLU B 16 -15.39 43.11 20.94
C GLU B 16 -16.87 43.25 21.29
N GLN B 17 -17.44 44.44 21.10
CA GLN B 17 -18.85 44.65 21.37
C GLN B 17 -19.72 43.83 20.43
N LEU B 18 -19.33 43.73 19.16
CA LEU B 18 -20.10 42.93 18.21
C LEU B 18 -20.07 41.45 18.58
N LYS B 19 -18.91 40.94 19.01
CA LYS B 19 -18.85 39.56 19.48
C LYS B 19 -19.70 39.37 20.72
N ASN B 20 -19.67 40.35 21.64
CA ASN B 20 -20.57 40.34 22.80
C ASN B 20 -22.01 40.18 22.36
N GLN B 21 -22.44 41.01 21.41
CA GLN B 21 -23.82 40.98 20.93
C GLN B 21 -24.13 39.63 20.29
N ILE B 22 -23.20 39.09 19.53
CA ILE B 22 -23.42 37.80 18.87
C ILE B 22 -23.66 36.72 19.91
N ARG B 23 -22.80 36.63 20.93
CA ARG B 23 -22.97 35.44 21.77
C ARG B 23 -24.05 35.62 22.82
N ASP B 24 -24.41 36.85 23.22
CA ASP B 24 -25.58 36.89 24.08
C ASP B 24 -26.88 36.85 23.29
N ALA B 25 -26.83 37.08 21.97
CA ALA B 25 -27.99 36.78 21.13
C ALA B 25 -28.11 35.28 20.90
N ARG B 26 -26.98 34.59 20.76
CA ARG B 26 -27.01 33.13 20.68
C ARG B 26 -27.52 32.52 21.97
N LYS B 27 -27.09 33.06 23.12
CA LYS B 27 -27.65 32.61 24.38
C LYS B 27 -29.14 32.93 24.46
N ALA B 28 -29.55 34.09 23.94
CA ALA B 28 -30.96 34.43 23.90
C ALA B 28 -31.75 33.50 23.00
N CYS B 29 -31.09 32.81 22.07
CA CYS B 29 -31.73 31.85 21.19
C CYS B 29 -31.46 30.41 21.63
N ALA B 30 -31.20 30.22 22.92
CA ALA B 30 -30.99 28.88 23.48
C ALA B 30 -31.94 28.69 24.64
N ASP B 31 -32.76 27.63 24.56
CA ASP B 31 -33.73 27.34 25.62
C ASP B 31 -33.45 26.01 26.31
N ALA B 32 -33.30 24.92 25.54
CA ALA B 32 -33.04 23.61 26.09
C ALA B 32 -31.91 22.94 25.32
N THR B 33 -31.14 22.12 26.01
CA THR B 33 -30.04 21.42 25.38
C THR B 33 -30.55 20.23 24.56
N LEU B 34 -29.69 19.75 23.67
CA LEU B 34 -30.03 18.58 22.87
C LEU B 34 -30.20 17.35 23.74
N SER B 35 -29.35 17.20 24.76
CA SER B 35 -29.46 16.06 25.66
C SER B 35 -30.79 16.04 26.39
N GLN B 36 -31.24 17.20 26.87
CA GLN B 36 -32.51 17.27 27.58
C GLN B 36 -33.67 16.84 26.70
N ILE B 37 -33.63 17.23 25.43
CA ILE B 37 -34.69 16.84 24.50
C ILE B 37 -34.61 15.35 24.18
N THR B 38 -33.41 14.83 23.99
CA THR B 38 -33.24 13.46 23.51
C THR B 38 -33.14 12.42 24.62
N ASN B 39 -33.29 12.82 25.89
CA ASN B 39 -33.33 11.81 26.95
C ASN B 39 -34.44 10.79 26.73
N ASN B 40 -35.49 11.15 26.01
CA ASN B 40 -36.63 10.27 25.81
C ASN B 40 -36.46 9.31 24.64
N ILE B 41 -35.33 9.37 23.92
CA ILE B 41 -35.09 8.51 22.78
C ILE B 41 -34.38 7.24 23.25
N ASP B 42 -34.86 6.09 22.81
CA ASP B 42 -34.25 4.83 23.17
C ASP B 42 -32.83 4.75 22.59
N PRO B 43 -31.86 4.29 23.37
CA PRO B 43 -30.49 4.21 22.86
C PRO B 43 -30.39 3.20 21.72
N VAL B 44 -29.43 3.43 20.83
CA VAL B 44 -29.23 2.56 19.68
C VAL B 44 -28.70 1.19 20.09
N GLY B 45 -28.18 1.05 21.30
CA GLY B 45 -27.60 -0.20 21.73
C GLY B 45 -26.19 -0.38 21.21
N ARG B 46 -25.45 -1.28 21.85
CA ARG B 46 -24.09 -1.56 21.44
C ARG B 46 -24.07 -2.20 20.06
N ILE B 47 -23.55 -1.48 19.07
CA ILE B 47 -23.46 -1.97 17.71
C ILE B 47 -22.08 -2.55 17.48
N GLN B 48 -22.02 -3.75 16.91
CA GLN B 48 -20.76 -4.43 16.63
C GLN B 48 -20.54 -4.43 15.13
N MET B 49 -19.49 -3.74 14.70
CA MET B 49 -19.12 -3.66 13.30
C MET B 49 -17.92 -4.56 13.07
N ARG B 50 -18.06 -5.51 12.16
CA ARG B 50 -17.00 -6.46 11.84
C ARG B 50 -16.34 -6.05 10.53
N THR B 51 -15.02 -6.08 10.50
CA THR B 51 -14.31 -5.78 9.27
C THR B 51 -14.63 -6.81 8.21
N ARG B 52 -15.04 -6.34 7.04
CA ARG B 52 -15.42 -7.21 5.93
C ARG B 52 -14.35 -7.31 4.86
N ARG B 53 -13.67 -6.22 4.55
CA ARG B 53 -12.61 -6.24 3.55
C ARG B 53 -11.36 -5.57 4.08
N THR B 54 -10.21 -6.04 3.61
CA THR B 54 -8.94 -5.38 3.86
C THR B 54 -8.26 -5.14 2.51
N LEU B 55 -8.19 -3.87 2.11
CA LEU B 55 -7.53 -3.47 0.88
C LEU B 55 -6.07 -3.22 1.23
N ARG B 56 -5.20 -4.12 0.76
CA ARG B 56 -3.78 -4.09 1.09
C ARG B 56 -2.97 -3.97 -0.20
N GLY B 57 -2.79 -2.74 -0.65
CA GLY B 57 -1.96 -2.48 -1.81
C GLY B 57 -0.93 -1.40 -1.59
N HIS B 58 -1.14 -0.57 -0.57
CA HIS B 58 -0.27 0.56 -0.35
C HIS B 58 0.94 0.14 0.47
N LEU B 59 2.04 0.88 0.26
CA LEU B 59 3.30 0.59 0.93
C LEU B 59 3.67 1.62 1.99
N ALA B 60 3.21 2.85 1.87
CA ALA B 60 3.40 3.89 2.85
C ALA B 60 2.09 4.17 3.56
N LYS B 61 2.12 5.13 4.48
CA LYS B 61 0.91 5.48 5.22
C LYS B 61 -0.12 6.13 4.31
N ILE B 62 -1.38 5.75 4.49
CA ILE B 62 -2.48 6.26 3.69
C ILE B 62 -2.96 7.56 4.28
N TYR B 63 -3.03 8.61 3.46
CA TYR B 63 -3.39 9.92 3.98
C TYR B 63 -4.80 10.36 3.65
N ALA B 64 -5.39 9.86 2.57
CA ALA B 64 -6.71 10.30 2.17
C ALA B 64 -7.45 9.13 1.54
N MET B 65 -8.73 9.35 1.30
CA MET B 65 -9.63 8.31 0.82
C MET B 65 -10.96 8.96 0.51
N HIS B 66 -11.65 8.45 -0.51
CA HIS B 66 -12.95 8.98 -0.86
C HIS B 66 -13.75 7.91 -1.58
N TRP B 67 -15.05 7.86 -1.29
CA TRP B 67 -15.94 6.90 -1.90
C TRP B 67 -16.53 7.45 -3.19
N GLY B 68 -16.97 6.56 -4.06
CA GLY B 68 -17.75 6.96 -5.19
C GLY B 68 -19.22 7.05 -4.87
N THR B 69 -19.95 7.82 -5.69
CA THR B 69 -21.39 7.92 -5.51
C THR B 69 -22.08 6.60 -5.77
N ASP B 70 -21.51 5.74 -6.61
CA ASP B 70 -22.02 4.39 -6.78
C ASP B 70 -21.75 3.51 -5.56
N SER B 71 -20.94 3.99 -4.62
CA SER B 71 -20.65 3.29 -3.36
C SER B 71 -20.00 1.94 -3.60
N ARG B 72 -19.28 1.78 -4.69
CA ARG B 72 -18.52 0.57 -4.95
C ARG B 72 -17.04 0.84 -5.11
N LEU B 73 -16.66 1.81 -5.96
CA LEU B 73 -15.26 2.16 -6.15
C LEU B 73 -14.85 3.18 -5.12
N LEU B 74 -13.62 3.07 -4.63
CA LEU B 74 -13.07 4.08 -3.74
C LEU B 74 -11.62 4.35 -4.10
N VAL B 75 -11.23 5.62 -4.02
CA VAL B 75 -9.88 6.05 -4.32
C VAL B 75 -9.14 6.23 -3.01
N SER B 76 -7.85 5.89 -2.99
CA SER B 76 -7.04 6.10 -1.80
C SER B 76 -5.67 6.62 -2.21
N ALA B 77 -5.16 7.57 -1.44
CA ALA B 77 -3.87 8.20 -1.70
C ALA B 77 -2.87 7.85 -0.61
N SER B 78 -1.65 7.51 -1.02
CA SER B 78 -0.61 7.18 -0.06
C SER B 78 0.58 8.11 -0.30
N GLN B 79 1.47 8.15 0.70
CA GLN B 79 2.69 8.93 0.59
C GLN B 79 3.75 8.24 -0.27
N ASP B 80 3.51 7.02 -0.71
CA ASP B 80 4.40 6.32 -1.61
C ASP B 80 4.23 6.76 -3.06
N GLY B 81 3.60 7.90 -3.30
CA GLY B 81 3.48 8.46 -4.62
C GLY B 81 2.41 7.85 -5.49
N LYS B 82 1.49 7.08 -4.91
CA LYS B 82 0.44 6.40 -5.66
C LYS B 82 -0.91 6.73 -5.08
N LEU B 83 -1.87 6.99 -5.95
CA LEU B 83 -3.28 6.94 -5.57
C LEU B 83 -3.92 5.86 -6.42
N ILE B 84 -4.56 4.91 -5.77
CA ILE B 84 -5.10 3.76 -6.47
C ILE B 84 -6.58 3.63 -6.18
N ILE B 85 -7.30 3.09 -7.16
CA ILE B 85 -8.75 3.04 -7.16
C ILE B 85 -9.15 1.58 -7.07
N TRP B 86 -9.90 1.24 -6.03
CA TRP B 86 -10.29 -0.12 -5.71
C TRP B 86 -11.76 -0.35 -6.00
N ASP B 87 -12.07 -1.55 -6.47
CA ASP B 87 -13.42 -2.09 -6.46
C ASP B 87 -13.63 -2.77 -5.12
N SER B 88 -14.38 -2.12 -4.23
CA SER B 88 -14.45 -2.58 -2.84
C SER B 88 -15.13 -3.93 -2.72
N TYR B 89 -16.08 -4.25 -3.61
CA TYR B 89 -16.79 -5.51 -3.51
C TYR B 89 -15.85 -6.70 -3.69
N THR B 90 -14.94 -6.62 -4.65
CA THR B 90 -14.05 -7.72 -4.97
C THR B 90 -12.60 -7.47 -4.56
N THR B 91 -12.30 -6.32 -3.95
CA THR B 91 -10.96 -5.91 -3.53
C THR B 91 -9.99 -5.79 -4.69
N ASN B 92 -10.48 -5.81 -5.93
CA ASN B 92 -9.59 -5.64 -7.07
C ASN B 92 -9.18 -4.18 -7.19
N LYS B 93 -7.94 -3.96 -7.62
CA LYS B 93 -7.45 -2.62 -7.89
C LYS B 93 -7.84 -2.24 -9.31
N VAL B 94 -8.82 -1.35 -9.43
CA VAL B 94 -9.27 -0.95 -10.76
C VAL B 94 -8.21 -0.08 -11.44
N HIS B 95 -7.60 0.84 -10.70
CA HIS B 95 -6.60 1.72 -11.28
C HIS B 95 -5.46 1.93 -10.29
N ALA B 96 -4.32 2.37 -10.80
CA ALA B 96 -3.17 2.70 -9.96
C ALA B 96 -2.43 3.86 -10.62
N ILE B 97 -2.69 5.07 -10.17
CA ILE B 97 -2.17 6.29 -10.79
C ILE B 97 -0.92 6.72 -10.03
N PRO B 98 0.24 6.80 -10.69
CA PRO B 98 1.43 7.34 -10.03
C PRO B 98 1.43 8.87 -10.08
N LEU B 99 1.93 9.48 -9.02
CA LEU B 99 1.83 10.92 -8.83
C LEU B 99 3.16 11.60 -9.08
N ARG B 100 3.10 12.78 -9.70
CA ARG B 100 4.30 13.56 -9.94
C ARG B 100 4.95 14.02 -8.65
N SER B 101 4.18 14.14 -7.57
CA SER B 101 4.70 14.49 -6.26
C SER B 101 4.23 13.44 -5.26
N SER B 102 5.17 12.87 -4.51
CA SER B 102 4.85 11.82 -3.56
C SER B 102 4.16 12.34 -2.31
N TRP B 103 4.07 13.66 -2.13
CA TRP B 103 3.56 14.26 -0.90
C TRP B 103 2.11 14.66 -1.14
N VAL B 104 1.20 13.76 -0.77
CA VAL B 104 -0.23 13.93 -1.02
C VAL B 104 -0.96 13.81 0.31
N MET B 105 -1.74 14.83 0.64
CA MET B 105 -2.49 14.87 1.88
C MET B 105 -3.99 14.83 1.68
N THR B 106 -4.45 14.81 0.42
CA THR B 106 -5.89 14.78 0.15
C THR B 106 -6.14 14.12 -1.19
N CYS B 107 -7.37 13.63 -1.34
CA CYS B 107 -7.83 13.11 -2.62
C CYS B 107 -9.35 13.16 -2.64
N ALA B 108 -9.90 13.38 -3.82
CA ALA B 108 -11.34 13.43 -4.03
C ALA B 108 -11.70 12.62 -5.26
N TYR B 109 -12.92 12.08 -5.26
CA TYR B 109 -13.37 11.23 -6.35
C TYR B 109 -14.66 11.85 -6.87
N ALA B 110 -14.69 12.16 -8.17
CA ALA B 110 -15.75 12.99 -8.71
C ALA B 110 -17.10 12.29 -8.59
N PRO B 111 -18.18 13.05 -8.40
CA PRO B 111 -19.51 12.41 -8.33
C PRO B 111 -19.90 11.69 -9.60
N SER B 112 -19.49 12.21 -10.76
CA SER B 112 -19.75 11.51 -12.01
C SER B 112 -18.86 10.29 -12.16
N GLY B 113 -17.70 10.27 -11.49
CA GLY B 113 -16.74 9.20 -11.61
C GLY B 113 -15.72 9.39 -12.71
N ASN B 114 -15.83 10.47 -13.50
CA ASN B 114 -14.92 10.65 -14.62
C ASN B 114 -13.55 11.16 -14.20
N TYR B 115 -13.42 11.77 -13.03
CA TYR B 115 -12.18 12.40 -12.62
C TYR B 115 -11.85 12.04 -11.18
N VAL B 116 -10.57 12.14 -10.85
CA VAL B 116 -10.13 12.15 -9.46
C VAL B 116 -9.22 13.36 -9.27
N ALA B 117 -9.05 13.76 -8.03
CA ALA B 117 -8.19 14.89 -7.71
C ALA B 117 -7.29 14.53 -6.54
N CYS B 118 -6.14 15.18 -6.49
CA CYS B 118 -5.23 15.00 -5.36
C CYS B 118 -4.39 16.26 -5.20
N GLY B 119 -3.76 16.36 -4.03
CA GLY B 119 -2.91 17.51 -3.75
C GLY B 119 -2.19 17.29 -2.45
N GLY B 120 -1.27 18.21 -2.16
CA GLY B 120 -0.50 18.10 -0.94
C GLY B 120 0.56 19.16 -0.79
N LEU B 121 1.77 18.76 -0.40
CA LEU B 121 2.83 19.71 -0.10
C LEU B 121 3.33 20.47 -1.32
N ASP B 122 2.92 20.07 -2.52
CA ASP B 122 3.36 20.74 -3.74
C ASP B 122 2.50 21.96 -4.10
N ASN B 123 1.47 22.26 -3.30
CA ASN B 123 0.60 23.42 -3.50
C ASN B 123 -0.14 23.37 -4.84
N ILE B 124 -0.38 22.18 -5.37
CA ILE B 124 -1.00 22.01 -6.68
C ILE B 124 -2.10 20.96 -6.56
N CYS B 125 -3.25 21.23 -7.17
CA CYS B 125 -4.34 20.26 -7.24
C CYS B 125 -4.33 19.62 -8.62
N SER B 126 -4.09 18.32 -8.67
CA SER B 126 -4.03 17.59 -9.93
C SER B 126 -5.32 16.83 -10.14
N ILE B 127 -5.95 17.05 -11.30
CA ILE B 127 -7.15 16.34 -11.71
C ILE B 127 -6.76 15.36 -12.80
N TYR B 128 -7.08 14.09 -12.57
CA TYR B 128 -6.80 12.97 -13.46
C TYR B 128 -8.09 12.49 -14.10
N ASN B 129 -8.05 12.27 -15.41
CA ASN B 129 -9.20 11.86 -16.20
C ASN B 129 -9.22 10.35 -16.28
N LEU B 130 -10.13 9.72 -15.51
CA LEU B 130 -10.18 8.26 -15.47
C LEU B 130 -10.73 7.69 -16.76
N LYS B 131 -11.84 8.21 -17.24
CA LYS B 131 -12.58 7.63 -18.36
C LYS B 131 -12.19 8.38 -19.62
N THR B 132 -11.11 7.94 -20.25
CA THR B 132 -10.64 8.49 -21.50
C THR B 132 -10.24 7.36 -22.43
N ARG B 133 -9.97 7.72 -23.68
CA ARG B 133 -9.37 6.77 -24.60
C ARG B 133 -7.93 6.50 -24.18
N GLU B 134 -7.25 5.65 -24.94
CA GLU B 134 -5.87 5.24 -24.73
C GLU B 134 -5.69 4.38 -23.49
N GLY B 135 -6.76 4.14 -22.72
CA GLY B 135 -6.72 3.16 -21.65
C GLY B 135 -5.88 3.51 -20.45
N ASN B 136 -5.29 4.70 -20.41
CA ASN B 136 -4.48 5.14 -19.29
C ASN B 136 -5.18 6.30 -18.59
N VAL B 137 -4.71 6.60 -17.37
CA VAL B 137 -5.19 7.73 -16.61
C VAL B 137 -4.15 8.83 -16.73
N ARG B 138 -4.55 9.96 -17.28
CA ARG B 138 -3.64 11.07 -17.55
C ARG B 138 -4.09 12.30 -16.77
N VAL B 139 -3.13 13.18 -16.47
CA VAL B 139 -3.41 14.38 -15.71
C VAL B 139 -4.26 15.31 -16.57
N SER B 140 -5.54 15.40 -16.26
CA SER B 140 -6.42 16.30 -17.02
C SER B 140 -6.02 17.75 -16.82
N ARG B 141 -5.68 18.12 -15.58
CA ARG B 141 -5.39 19.53 -15.31
C ARG B 141 -4.57 19.65 -14.03
N GLU B 142 -3.80 20.72 -13.92
CA GLU B 142 -3.09 21.08 -12.71
C GLU B 142 -3.46 22.50 -12.32
N LEU B 143 -3.91 22.66 -11.07
CA LEU B 143 -4.34 23.95 -10.55
C LEU B 143 -3.28 24.46 -9.58
N ALA B 144 -2.76 25.65 -9.87
CA ALA B 144 -1.78 26.31 -9.03
C ALA B 144 -2.29 27.70 -8.67
N GLY B 145 -1.80 28.22 -7.56
CA GLY B 145 -2.26 29.51 -7.06
C GLY B 145 -2.34 29.54 -5.56
N HIS B 146 -2.49 28.37 -4.93
CA HIS B 146 -2.36 28.28 -3.49
C HIS B 146 -0.89 28.34 -3.10
N THR B 147 -0.60 29.10 -2.05
CA THR B 147 0.77 29.26 -1.56
C THR B 147 1.06 28.38 -0.36
N GLY B 148 0.18 27.43 -0.05
CA GLY B 148 0.43 26.49 1.02
C GLY B 148 -0.06 25.11 0.63
N TYR B 149 0.33 24.13 1.42
CA TYR B 149 -0.07 22.75 1.16
C TYR B 149 -1.58 22.64 1.12
N LEU B 150 -2.08 21.85 0.17
CA LEU B 150 -3.52 21.60 0.08
C LEU B 150 -3.95 20.60 1.13
N SER B 151 -4.97 20.96 1.90
CA SER B 151 -5.46 20.09 2.96
C SER B 151 -6.64 19.24 2.51
N CYS B 152 -7.54 19.80 1.71
CA CYS B 152 -8.73 19.09 1.28
C CYS B 152 -9.17 19.61 -0.09
N CYS B 153 -9.97 18.80 -0.77
CA CYS B 153 -10.56 19.19 -2.03
C CYS B 153 -11.81 18.33 -2.25
N ARG B 154 -12.87 18.97 -2.73
CA ARG B 154 -14.10 18.28 -3.07
C ARG B 154 -14.56 18.73 -4.44
N PHE B 155 -15.32 17.88 -5.11
CA PHE B 155 -15.85 18.18 -6.43
C PHE B 155 -17.27 18.69 -6.31
N LEU B 156 -17.52 19.89 -6.82
CA LEU B 156 -18.90 20.36 -6.94
C LEU B 156 -19.59 19.73 -8.14
N ASP B 157 -18.91 19.75 -9.29
CA ASP B 157 -19.34 19.02 -10.48
C ASP B 157 -18.09 18.68 -11.28
N ASP B 158 -18.29 18.29 -12.54
CA ASP B 158 -17.16 17.94 -13.39
C ASP B 158 -16.25 19.12 -13.70
N ASN B 159 -16.69 20.35 -13.43
CA ASN B 159 -15.92 21.53 -13.79
C ASN B 159 -15.59 22.45 -12.62
N GLN B 160 -16.35 22.40 -11.54
CA GLN B 160 -16.10 23.25 -10.38
C GLN B 160 -15.44 22.39 -9.29
N ILE B 161 -14.36 22.90 -8.70
CA ILE B 161 -13.71 22.19 -7.61
C ILE B 161 -13.34 23.17 -6.50
N VAL B 162 -13.56 22.75 -5.25
CA VAL B 162 -13.26 23.56 -4.08
C VAL B 162 -12.04 22.98 -3.39
N THR B 163 -11.05 23.82 -3.15
CA THR B 163 -9.83 23.43 -2.45
C THR B 163 -9.65 24.29 -1.22
N SER B 164 -9.00 23.73 -0.21
CA SER B 164 -8.59 24.47 0.98
C SER B 164 -7.09 24.27 1.16
N SER B 165 -6.37 25.35 1.48
CA SER B 165 -4.93 25.25 1.57
C SER B 165 -4.45 25.73 2.94
N GLY B 166 -3.19 25.45 3.23
CA GLY B 166 -2.55 25.88 4.44
C GLY B 166 -2.11 27.32 4.46
N ASP B 167 -2.45 28.09 3.43
CA ASP B 167 -2.23 29.53 3.43
C ASP B 167 -3.45 30.31 3.90
N THR B 168 -4.29 29.69 4.72
CA THR B 168 -5.49 30.32 5.28
C THR B 168 -6.42 30.81 4.16
N THR B 169 -6.74 29.92 3.23
CA THR B 169 -7.53 30.31 2.07
C THR B 169 -8.22 29.10 1.48
N CYS B 170 -9.49 29.25 1.15
CA CYS B 170 -10.21 28.32 0.29
C CYS B 170 -10.42 28.95 -1.08
N ALA B 171 -10.59 28.11 -2.08
CA ALA B 171 -10.71 28.61 -3.44
C ALA B 171 -11.66 27.72 -4.24
N LEU B 172 -12.44 28.36 -5.10
CA LEU B 172 -13.31 27.66 -6.04
C LEU B 172 -12.76 27.88 -7.44
N TRP B 173 -12.41 26.77 -8.11
CA TRP B 173 -11.76 26.77 -9.40
C TRP B 173 -12.70 26.25 -10.48
N ASP B 174 -12.61 26.86 -11.66
CA ASP B 174 -13.16 26.31 -12.89
C ASP B 174 -12.07 25.47 -13.54
N ILE B 175 -12.29 24.15 -13.60
CA ILE B 175 -11.23 23.24 -14.06
C ILE B 175 -10.90 23.50 -15.52
N GLU B 176 -11.93 23.68 -16.35
CA GLU B 176 -11.68 23.86 -17.79
C GLU B 176 -10.85 25.11 -18.04
N THR B 177 -11.18 26.22 -17.38
CA THR B 177 -10.35 27.42 -17.49
C THR B 177 -9.02 27.23 -16.77
N GLY B 178 -9.04 26.58 -15.61
CA GLY B 178 -7.84 26.28 -14.88
C GLY B 178 -7.41 27.31 -13.86
N GLN B 179 -8.26 28.29 -13.56
CA GLN B 179 -7.89 29.36 -12.63
C GLN B 179 -9.03 29.60 -11.65
N GLN B 180 -8.67 30.17 -10.50
CA GLN B 180 -9.63 30.42 -9.44
C GLN B 180 -10.74 31.34 -9.92
N THR B 181 -11.98 30.96 -9.63
CA THR B 181 -13.11 31.86 -9.85
C THR B 181 -13.57 32.54 -8.57
N THR B 182 -13.33 31.91 -7.41
CA THR B 182 -13.68 32.55 -6.15
C THR B 182 -12.59 32.25 -5.13
N THR B 183 -12.34 33.21 -4.24
CA THR B 183 -11.31 33.07 -3.21
C THR B 183 -11.92 33.46 -1.87
N PHE B 184 -12.12 32.47 -1.01
CA PHE B 184 -12.62 32.70 0.35
C PHE B 184 -11.44 32.89 1.29
N THR B 185 -11.33 34.09 1.86
CA THR B 185 -10.25 34.46 2.77
C THR B 185 -10.86 35.05 4.03
N GLY B 186 -11.21 34.19 4.98
CA GLY B 186 -11.69 34.65 6.26
C GLY B 186 -10.92 34.08 7.43
N HIS B 187 -10.33 32.91 7.22
CA HIS B 187 -9.61 32.22 8.29
C HIS B 187 -8.30 32.93 8.61
N THR B 188 -7.79 32.67 9.81
CA THR B 188 -6.48 33.15 10.22
C THR B 188 -5.45 32.05 10.33
N GLY B 189 -5.86 30.82 10.66
CA GLY B 189 -4.97 29.68 10.69
C GLY B 189 -5.10 28.84 9.43
N ASP B 190 -4.27 27.81 9.38
CA ASP B 190 -4.24 26.92 8.22
C ASP B 190 -5.54 26.14 8.14
N VAL B 191 -6.22 26.21 7.00
CA VAL B 191 -7.45 25.46 6.82
C VAL B 191 -7.11 23.98 6.61
N MET B 192 -7.71 23.12 7.40
CA MET B 192 -7.34 21.71 7.42
C MET B 192 -8.43 20.77 6.96
N SER B 193 -9.65 21.23 6.77
CA SER B 193 -10.75 20.34 6.41
C SER B 193 -11.75 21.11 5.55
N LEU B 194 -12.75 20.39 5.07
CA LEU B 194 -13.70 20.94 4.12
C LEU B 194 -14.85 19.97 3.99
N SER B 195 -16.04 20.50 3.75
CA SER B 195 -17.23 19.64 3.60
C SER B 195 -18.29 20.41 2.85
N LEU B 196 -18.75 19.86 1.73
CA LEU B 196 -19.83 20.46 0.97
C LEU B 196 -21.18 20.04 1.52
N ALA B 197 -22.16 20.92 1.39
CA ALA B 197 -23.52 20.58 1.75
C ALA B 197 -24.08 19.59 0.73
N PRO B 198 -25.11 18.84 1.10
CA PRO B 198 -25.71 17.90 0.14
C PRO B 198 -26.21 18.58 -1.13
N ASP B 199 -26.64 19.84 -1.05
CA ASP B 199 -27.05 20.57 -2.25
C ASP B 199 -25.88 21.20 -2.99
N THR B 200 -24.66 21.11 -2.45
CA THR B 200 -23.46 21.70 -3.06
C THR B 200 -23.66 23.17 -3.37
N ARG B 201 -24.30 23.88 -2.44
CA ARG B 201 -24.53 25.31 -2.57
C ARG B 201 -23.79 26.12 -1.51
N LEU B 202 -23.46 25.52 -0.38
CA LEU B 202 -22.65 26.15 0.66
C LEU B 202 -21.81 25.08 1.33
N PHE B 203 -20.71 25.50 1.95
CA PHE B 203 -19.79 24.52 2.53
C PHE B 203 -19.13 25.09 3.79
N VAL B 204 -18.71 24.18 4.67
CA VAL B 204 -18.03 24.57 5.89
C VAL B 204 -16.54 24.29 5.73
N SER B 205 -15.74 24.96 6.55
CA SER B 205 -14.29 24.78 6.53
C SER B 205 -13.74 25.10 7.91
N GLY B 206 -13.11 24.14 8.55
CA GLY B 206 -12.50 24.33 9.86
C GLY B 206 -11.01 24.56 9.72
N ALA B 207 -10.49 25.54 10.45
CA ALA B 207 -9.10 25.93 10.34
C ALA B 207 -8.36 25.66 11.63
N CYS B 208 -7.08 26.04 11.65
CA CYS B 208 -6.23 25.86 12.82
C CYS B 208 -6.43 26.94 13.88
N ASP B 209 -7.25 27.96 13.61
CA ASP B 209 -7.59 28.94 14.61
C ASP B 209 -8.74 28.49 15.51
N ALA B 210 -9.02 27.19 15.52
CA ALA B 210 -10.13 26.62 16.30
C ALA B 210 -11.44 27.30 15.94
N SER B 211 -11.70 27.39 14.63
CA SER B 211 -12.87 28.08 14.13
C SER B 211 -13.32 27.43 12.84
N ALA B 212 -14.63 27.27 12.68
CA ALA B 212 -15.22 26.69 11.47
C ALA B 212 -16.11 27.74 10.83
N LYS B 213 -15.81 28.09 9.58
CA LYS B 213 -16.57 29.10 8.87
C LYS B 213 -17.44 28.47 7.80
N LEU B 214 -18.62 29.04 7.61
CA LEU B 214 -19.55 28.57 6.59
C LEU B 214 -19.58 29.59 5.45
N TRP B 215 -19.41 29.10 4.22
CA TRP B 215 -19.25 29.92 3.05
C TRP B 215 -20.35 29.60 2.05
N ASP B 216 -20.87 30.65 1.41
CA ASP B 216 -21.83 30.50 0.33
C ASP B 216 -21.05 30.48 -0.97
N VAL B 217 -21.17 29.38 -1.73
CA VAL B 217 -20.36 29.19 -2.92
C VAL B 217 -20.70 30.23 -3.98
N ARG B 218 -21.99 30.51 -4.15
CA ARG B 218 -22.42 31.37 -5.26
C ARG B 218 -21.87 32.78 -5.13
N GLU B 219 -21.91 33.36 -3.93
CA GLU B 219 -21.53 34.75 -3.74
C GLU B 219 -20.17 34.95 -3.11
N GLY B 220 -19.62 33.94 -2.44
CA GLY B 220 -18.23 33.97 -2.02
C GLY B 220 -17.92 34.71 -0.74
N MET B 221 -18.88 34.85 0.17
CA MET B 221 -18.65 35.51 1.44
C MET B 221 -19.07 34.60 2.59
N CYS B 222 -18.41 34.77 3.73
CA CYS B 222 -18.68 33.93 4.89
C CYS B 222 -20.04 34.26 5.47
N ARG B 223 -20.84 33.24 5.74
CA ARG B 223 -22.16 33.45 6.33
C ARG B 223 -22.08 33.47 7.85
N GLN B 224 -21.58 32.39 8.44
CA GLN B 224 -21.51 32.25 9.89
C GLN B 224 -20.15 31.71 10.28
N THR B 225 -19.78 31.96 11.54
CA THR B 225 -18.53 31.48 12.11
C THR B 225 -18.83 30.80 13.44
N PHE B 226 -18.26 29.62 13.64
CA PHE B 226 -18.50 28.81 14.82
C PHE B 226 -17.20 28.61 15.57
N THR B 227 -17.25 28.84 16.88
CA THR B 227 -16.13 28.61 17.78
C THR B 227 -16.55 27.59 18.85
N GLY B 228 -15.58 27.19 19.67
CA GLY B 228 -15.87 26.28 20.76
C GLY B 228 -14.76 25.28 21.01
N HIS B 229 -13.91 25.06 20.02
CA HIS B 229 -12.77 24.17 20.18
C HIS B 229 -11.61 24.93 20.79
N GLU B 230 -10.80 24.23 21.58
CA GLU B 230 -9.60 24.84 22.12
C GLU B 230 -8.39 24.68 21.21
N SER B 231 -8.41 23.69 20.31
CA SER B 231 -7.24 23.42 19.49
C SER B 231 -7.57 23.33 18.01
N ASP B 232 -6.61 22.87 17.21
CA ASP B 232 -6.77 22.83 15.76
C ASP B 232 -7.93 21.94 15.37
N ILE B 233 -8.70 22.38 14.38
CA ILE B 233 -9.80 21.58 13.83
C ILE B 233 -9.25 20.75 12.68
N ASN B 234 -9.41 19.43 12.76
CA ASN B 234 -8.84 18.51 11.78
C ASN B 234 -9.87 17.99 10.79
N ALA B 235 -11.11 17.74 11.24
CA ALA B 235 -12.13 17.13 10.41
C ALA B 235 -13.43 17.91 10.54
N ILE B 236 -14.24 17.85 9.49
CA ILE B 236 -15.56 18.46 9.48
C ILE B 236 -16.43 17.67 8.51
N CYS B 237 -17.73 17.61 8.81
CA CYS B 237 -18.66 16.82 8.00
C CYS B 237 -20.07 17.32 8.23
N PHE B 238 -20.78 17.63 7.15
CA PHE B 238 -22.17 18.04 7.26
C PHE B 238 -23.07 16.91 7.74
N PHE B 239 -24.11 17.28 8.47
CA PHE B 239 -25.19 16.36 8.76
C PHE B 239 -25.95 16.06 7.46
N PRO B 240 -26.53 14.87 7.34
CA PRO B 240 -27.20 14.50 6.08
C PRO B 240 -28.25 15.48 5.61
N ASN B 241 -29.03 16.08 6.51
CA ASN B 241 -30.03 17.04 6.05
C ASN B 241 -29.44 18.37 5.64
N GLY B 242 -28.16 18.62 5.92
CA GLY B 242 -27.52 19.86 5.54
C GLY B 242 -27.79 21.04 6.46
N ASN B 243 -28.33 20.81 7.66
CA ASN B 243 -28.62 21.87 8.61
C ASN B 243 -27.77 21.77 9.87
N ALA B 244 -26.68 20.99 9.82
CA ALA B 244 -25.78 20.85 10.95
C ALA B 244 -24.48 20.26 10.44
N PHE B 245 -23.46 20.27 11.30
CA PHE B 245 -22.20 19.63 10.96
C PHE B 245 -21.43 19.31 12.23
N ALA B 246 -20.59 18.29 12.16
CA ALA B 246 -19.76 17.88 13.27
C ALA B 246 -18.30 18.18 12.96
N THR B 247 -17.56 18.61 13.98
CA THR B 247 -16.15 18.90 13.85
C THR B 247 -15.36 18.10 14.87
N GLY B 248 -14.15 17.71 14.49
CA GLY B 248 -13.21 17.08 15.38
C GLY B 248 -11.94 17.90 15.46
N SER B 249 -11.27 17.84 16.61
CA SER B 249 -10.13 18.68 16.87
C SER B 249 -9.06 17.90 17.62
N ASP B 250 -7.94 18.57 17.89
CA ASP B 250 -6.82 17.93 18.56
C ASP B 250 -7.04 17.81 20.06
N ASP B 251 -8.06 18.48 20.61
CA ASP B 251 -8.38 18.39 22.06
C ASP B 251 -9.19 17.13 22.34
N ALA B 252 -9.20 16.15 21.43
CA ALA B 252 -9.85 14.86 21.64
C ALA B 252 -11.35 14.98 21.87
N THR B 253 -11.98 15.99 21.28
CA THR B 253 -13.42 16.15 21.42
C THR B 253 -14.03 16.44 20.05
N CYS B 254 -15.20 15.88 19.80
CA CYS B 254 -16.02 16.23 18.66
C CYS B 254 -17.17 17.11 19.13
N ARG B 255 -17.73 17.87 18.20
CA ARG B 255 -18.92 18.63 18.56
C ARG B 255 -19.80 18.86 17.35
N LEU B 256 -21.10 18.78 17.59
CA LEU B 256 -22.14 19.01 16.59
C LEU B 256 -22.68 20.41 16.76
N PHE B 257 -22.60 21.20 15.70
CA PHE B 257 -23.13 22.56 15.66
C PHE B 257 -24.48 22.55 14.93
N ASP B 258 -25.05 23.75 14.76
CA ASP B 258 -26.26 23.90 13.98
C ASP B 258 -26.22 25.23 13.25
N LEU B 259 -26.69 25.23 12.01
CA LEU B 259 -26.66 26.45 11.21
C LEU B 259 -27.72 27.45 11.66
N ARG B 260 -28.98 27.01 11.71
CA ARG B 260 -30.06 27.92 12.07
C ARG B 260 -29.94 28.40 13.51
N ALA B 261 -29.67 27.49 14.44
CA ALA B 261 -29.42 27.89 15.81
C ALA B 261 -28.11 28.67 15.95
N ASP B 262 -27.19 28.50 15.01
CA ASP B 262 -25.94 29.28 14.93
C ASP B 262 -25.04 29.06 16.14
N GLN B 263 -25.15 27.92 16.81
CA GLN B 263 -24.32 27.67 17.98
C GLN B 263 -24.15 26.16 18.15
N GLU B 264 -23.19 25.80 19.01
CA GLU B 264 -22.91 24.40 19.28
C GLU B 264 -24.11 23.71 19.91
N LEU B 265 -24.42 22.52 19.41
CA LEU B 265 -25.52 21.71 19.92
C LEU B 265 -25.06 20.65 20.91
N MET B 266 -24.11 19.82 20.51
CA MET B 266 -23.69 18.70 21.33
C MET B 266 -22.17 18.62 21.36
N THR B 267 -21.63 18.05 22.44
CA THR B 267 -20.20 17.79 22.58
C THR B 267 -19.99 16.32 22.87
N TYR B 268 -19.32 15.63 21.96
CA TYR B 268 -18.98 14.21 22.12
C TYR B 268 -17.55 14.15 22.65
N SER B 269 -17.42 13.79 23.93
CA SER B 269 -16.11 13.69 24.56
C SER B 269 -16.15 12.59 25.60
N HIS B 270 -15.01 11.92 25.77
CA HIS B 270 -14.85 10.88 26.77
C HIS B 270 -13.55 11.13 27.52
N ASP B 271 -13.60 10.97 28.85
CA ASP B 271 -12.40 11.22 29.65
C ASP B 271 -11.30 10.24 29.33
N ASN B 272 -11.65 9.05 28.83
CA ASN B 272 -10.66 8.05 28.47
C ASN B 272 -9.94 8.40 27.17
N ILE B 273 -10.42 9.40 26.44
CA ILE B 273 -9.87 9.78 25.15
C ILE B 273 -9.02 11.03 25.35
N ILE B 274 -7.76 10.95 24.93
CA ILE B 274 -6.83 12.07 25.08
C ILE B 274 -6.11 12.36 23.78
N CYS B 275 -6.52 11.68 22.71
CA CYS B 275 -5.90 11.83 21.40
C CYS B 275 -6.83 12.54 20.43
N GLY B 276 -6.25 13.39 19.59
CA GLY B 276 -7.04 14.23 18.72
C GLY B 276 -7.76 13.47 17.62
N ILE B 277 -8.72 14.15 17.02
CA ILE B 277 -9.51 13.58 15.92
C ILE B 277 -8.75 13.78 14.62
N THR B 278 -8.89 12.82 13.71
CA THR B 278 -8.32 12.94 12.38
C THR B 278 -9.36 12.93 11.27
N SER B 279 -10.55 12.41 11.53
CA SER B 279 -11.57 12.25 10.50
C SER B 279 -12.92 12.09 11.16
N VAL B 280 -13.94 12.68 10.55
CA VAL B 280 -15.31 12.66 11.05
C VAL B 280 -16.26 12.41 9.89
N SER B 281 -17.23 11.53 10.10
CA SER B 281 -18.31 11.34 9.13
C SER B 281 -19.53 10.82 9.86
N PHE B 282 -20.69 11.08 9.27
CA PHE B 282 -21.95 10.63 9.84
C PHE B 282 -22.34 9.30 9.20
N SER B 283 -23.51 8.78 9.56
CA SER B 283 -24.08 7.60 8.93
C SER B 283 -25.09 8.03 7.88
N LYS B 284 -25.79 7.04 7.31
CA LYS B 284 -26.78 7.34 6.28
C LYS B 284 -27.91 8.20 6.84
N SER B 285 -28.38 7.87 8.04
CA SER B 285 -29.48 8.59 8.66
C SER B 285 -29.01 9.71 9.58
N GLY B 286 -27.72 9.80 9.87
CA GLY B 286 -27.22 10.80 10.77
C GLY B 286 -27.33 10.43 12.24
N ARG B 287 -27.79 9.23 12.57
CA ARG B 287 -27.90 8.81 13.96
C ARG B 287 -26.56 8.43 14.56
N LEU B 288 -25.61 7.97 13.76
CA LEU B 288 -24.30 7.61 14.24
C LEU B 288 -23.28 8.65 13.80
N LEU B 289 -22.24 8.82 14.61
CA LEU B 289 -21.12 9.68 14.27
C LEU B 289 -19.85 8.84 14.35
N LEU B 290 -19.14 8.76 13.24
CA LEU B 290 -17.91 7.99 13.15
C LEU B 290 -16.72 8.94 13.29
N ALA B 291 -15.88 8.68 14.28
CA ALA B 291 -14.74 9.56 14.54
C ALA B 291 -13.46 8.75 14.59
N GLY B 292 -12.47 9.17 13.82
CA GLY B 292 -11.17 8.51 13.81
C GLY B 292 -10.19 9.23 14.73
N TYR B 293 -9.39 8.45 15.45
CA TYR B 293 -8.53 8.99 16.50
C TYR B 293 -7.09 8.58 16.25
N ASP B 294 -6.20 9.13 17.08
CA ASP B 294 -4.78 8.78 17.03
C ASP B 294 -4.44 7.56 17.87
N ASP B 295 -5.35 7.08 18.72
CA ASP B 295 -5.10 5.90 19.54
C ASP B 295 -5.37 4.61 18.78
N PHE B 296 -5.37 4.68 17.45
CA PHE B 296 -5.36 3.58 16.49
C PHE B 296 -6.73 2.94 16.27
N ASN B 297 -7.81 3.52 16.78
CA ASN B 297 -9.13 2.94 16.53
C ASN B 297 -10.16 4.05 16.36
N CYS B 298 -11.26 3.68 15.73
CA CYS B 298 -12.39 4.56 15.49
C CYS B 298 -13.45 4.38 16.57
N ASN B 299 -14.19 5.44 16.84
CA ASN B 299 -15.30 5.39 17.79
C ASN B 299 -16.59 5.74 17.08
N VAL B 300 -17.68 5.14 17.55
CA VAL B 300 -19.01 5.34 17.00
C VAL B 300 -19.86 5.92 18.12
N TRP B 301 -20.28 7.17 17.97
CA TRP B 301 -21.07 7.88 18.96
C TRP B 301 -22.53 7.92 18.52
N ASP B 302 -23.42 7.86 19.50
CA ASP B 302 -24.83 8.18 19.25
C ASP B 302 -24.92 9.68 19.04
N ALA B 303 -25.20 10.11 17.80
CA ALA B 303 -25.19 11.53 17.49
C ALA B 303 -26.21 12.32 18.29
N LEU B 304 -27.26 11.68 18.79
CA LEU B 304 -28.28 12.36 19.55
C LEU B 304 -28.14 12.17 21.06
N LYS B 305 -27.61 11.03 21.50
CA LYS B 305 -27.44 10.78 22.92
C LYS B 305 -26.02 11.08 23.41
N ALA B 306 -25.06 11.24 22.50
CA ALA B 306 -23.69 11.62 22.84
C ALA B 306 -23.04 10.61 23.78
N ASP B 307 -23.20 9.33 23.49
CA ASP B 307 -22.49 8.28 24.22
C ASP B 307 -21.87 7.33 23.20
N ARG B 308 -20.69 6.81 23.53
CA ARG B 308 -19.94 5.96 22.60
C ARG B 308 -20.69 4.65 22.42
N ALA B 309 -21.34 4.49 21.27
CA ALA B 309 -22.11 3.29 20.98
C ALA B 309 -21.28 2.15 20.42
N GLY B 310 -20.04 2.40 20.00
CA GLY B 310 -19.26 1.31 19.45
C GLY B 310 -17.82 1.70 19.23
N VAL B 311 -17.01 0.68 18.95
CA VAL B 311 -15.58 0.86 18.70
C VAL B 311 -15.18 0.02 17.50
N LEU B 312 -14.43 0.62 16.58
CA LEU B 312 -13.89 -0.06 15.41
C LEU B 312 -12.38 -0.12 15.61
N ALA B 313 -11.89 -1.23 16.16
CA ALA B 313 -10.48 -1.39 16.51
C ALA B 313 -9.87 -2.48 15.64
N GLY B 314 -9.22 -2.10 14.55
CA GLY B 314 -8.56 -3.06 13.70
C GLY B 314 -7.29 -2.56 13.06
N HIS B 315 -6.82 -1.38 13.46
CA HIS B 315 -5.67 -0.76 12.82
C HIS B 315 -4.49 -0.70 13.78
N ASP B 316 -3.30 -0.88 13.23
CA ASP B 316 -2.06 -0.89 14.00
C ASP B 316 -1.40 0.48 14.08
N ASN B 317 -2.05 1.51 13.53
CA ASN B 317 -1.54 2.88 13.62
C ASN B 317 -2.74 3.82 13.55
N ARG B 318 -2.47 5.12 13.62
CA ARG B 318 -3.55 6.08 13.66
C ARG B 318 -4.36 6.06 12.38
N VAL B 319 -5.67 6.20 12.51
CA VAL B 319 -6.57 6.21 11.37
C VAL B 319 -6.62 7.63 10.82
N SER B 320 -6.14 7.81 9.59
CA SER B 320 -5.99 9.13 9.01
C SER B 320 -7.18 9.55 8.17
N CYS B 321 -7.93 8.61 7.61
CA CYS B 321 -9.05 8.92 6.74
C CYS B 321 -10.19 7.97 7.02
N LEU B 322 -11.40 8.44 6.77
CA LEU B 322 -12.60 7.70 7.12
C LEU B 322 -13.76 8.23 6.30
N GLY B 323 -14.55 7.31 5.75
CA GLY B 323 -15.67 7.70 4.90
C GLY B 323 -16.78 6.68 4.95
N VAL B 324 -17.97 7.15 4.62
CA VAL B 324 -19.18 6.31 4.61
C VAL B 324 -19.79 6.38 3.23
N THR B 325 -20.18 5.21 2.70
CA THR B 325 -20.79 5.16 1.38
C THR B 325 -22.10 5.94 1.36
N ASP B 326 -22.47 6.39 0.16
CA ASP B 326 -23.69 7.17 0.02
C ASP B 326 -24.92 6.36 0.43
N ASP B 327 -24.98 5.09 0.04
CA ASP B 327 -26.08 4.25 0.46
C ASP B 327 -25.97 3.80 1.92
N GLY B 328 -24.85 4.10 2.58
CA GLY B 328 -24.68 3.77 3.97
C GLY B 328 -24.40 2.31 4.26
N MET B 329 -24.04 1.52 3.24
CA MET B 329 -23.89 0.09 3.42
C MET B 329 -22.61 -0.27 4.18
N ALA B 330 -21.57 0.56 4.09
CA ALA B 330 -20.29 0.22 4.68
C ALA B 330 -19.55 1.51 5.02
N VAL B 331 -18.52 1.35 5.85
CA VAL B 331 -17.64 2.46 6.23
C VAL B 331 -16.20 2.03 6.01
N ALA B 332 -15.43 2.88 5.34
CA ALA B 332 -14.03 2.59 5.07
C ALA B 332 -13.15 3.45 5.95
N THR B 333 -12.13 2.84 6.55
CA THR B 333 -11.15 3.54 7.35
C THR B 333 -9.77 3.22 6.82
N GLY B 334 -9.00 4.25 6.50
CA GLY B 334 -7.60 4.10 6.20
C GLY B 334 -6.78 4.49 7.40
N SER B 335 -5.51 4.11 7.39
CA SER B 335 -4.64 4.40 8.53
C SER B 335 -3.20 4.43 8.06
N TRP B 336 -2.29 4.59 9.01
CA TRP B 336 -0.87 4.75 8.72
C TRP B 336 -0.13 3.42 8.66
N ASP B 337 -0.86 2.30 8.73
CA ASP B 337 -0.26 0.95 8.60
C ASP B 337 -0.38 0.51 7.14
N SER B 338 -0.91 1.37 6.24
CA SER B 338 -0.98 1.12 4.79
C SER B 338 -2.03 0.09 4.41
N PHE B 339 -3.12 -0.01 5.19
CA PHE B 339 -4.22 -0.91 4.88
C PHE B 339 -5.53 -0.15 5.03
N LEU B 340 -6.46 -0.38 4.10
CA LEU B 340 -7.82 0.10 4.28
C LEU B 340 -8.68 -1.02 4.82
N LYS B 341 -9.56 -0.70 5.75
CA LYS B 341 -10.51 -1.65 6.28
C LYS B 341 -11.92 -1.20 5.94
N ILE B 342 -12.66 -2.06 5.26
CA ILE B 342 -14.06 -1.81 4.94
C ILE B 342 -14.89 -2.62 5.94
N TRP B 343 -15.56 -1.89 6.82
CA TRP B 343 -16.41 -2.41 7.87
C TRP B 343 -17.87 -2.30 7.44
N ASN B 344 -18.70 -3.16 8.01
CA ASN B 344 -20.11 -3.17 7.67
C ASN B 344 -20.89 -3.73 8.85
N ILE C 9 -3.87 48.94 8.59
CA ILE C 9 -4.90 48.48 9.51
C ILE C 9 -6.24 48.39 8.80
N ALA C 10 -6.20 48.08 7.49
CA ALA C 10 -7.43 47.92 6.73
C ALA C 10 -8.17 46.64 7.07
N GLN C 11 -7.51 45.69 7.76
CA GLN C 11 -8.19 44.45 8.13
C GLN C 11 -9.25 44.69 9.19
N ALA C 12 -9.10 45.74 10.00
CA ALA C 12 -10.08 46.01 11.05
C ALA C 12 -11.43 46.37 10.46
N ARG C 13 -11.44 47.17 9.39
CA ARG C 13 -12.71 47.55 8.76
C ARG C 13 -13.44 46.34 8.21
N LYS C 14 -12.70 45.47 7.50
CA LYS C 14 -13.32 44.25 6.97
C LYS C 14 -13.81 43.35 8.11
N LEU C 15 -13.04 43.23 9.18
CA LEU C 15 -13.44 42.39 10.29
C LEU C 15 -14.73 42.90 10.93
N VAL C 16 -14.82 44.20 11.17
CA VAL C 16 -16.02 44.74 11.81
C VAL C 16 -17.21 44.68 10.86
N GLU C 17 -16.99 44.88 9.56
CA GLU C 17 -18.09 44.75 8.61
C GLU C 17 -18.62 43.32 8.57
N GLN C 18 -17.72 42.33 8.55
CA GLN C 18 -18.15 40.94 8.54
C GLN C 18 -18.84 40.57 9.84
N LEU C 19 -18.35 41.08 10.97
CA LEU C 19 -19.01 40.82 12.25
C LEU C 19 -20.41 41.42 12.28
N LYS C 20 -20.57 42.62 11.72
CA LYS C 20 -21.89 43.24 11.66
C LYS C 20 -22.83 42.43 10.76
N MET C 21 -22.32 41.96 9.63
CA MET C 21 -23.15 41.13 8.75
C MET C 21 -23.54 39.82 9.42
N GLU C 22 -22.62 39.21 10.18
CA GLU C 22 -22.93 37.96 10.86
C GLU C 22 -23.86 38.18 12.04
N ALA C 23 -23.86 39.37 12.62
CA ALA C 23 -24.75 39.66 13.74
C ALA C 23 -26.21 39.64 13.30
N ASN C 24 -26.50 40.19 12.12
CA ASN C 24 -27.87 40.29 11.62
C ASN C 24 -28.26 38.98 10.93
N ILE C 25 -28.43 37.95 11.76
CA ILE C 25 -28.87 36.63 11.31
C ILE C 25 -30.06 36.22 12.17
N ASP C 26 -31.13 35.76 11.53
CA ASP C 26 -32.32 35.31 12.23
C ASP C 26 -32.03 33.94 12.86
N ARG C 27 -31.75 33.93 14.16
CA ARG C 27 -31.49 32.68 14.84
C ARG C 27 -32.77 31.84 14.96
N ILE C 28 -32.59 30.58 15.32
CA ILE C 28 -33.67 29.65 15.55
C ILE C 28 -33.45 29.00 16.91
N LYS C 29 -34.52 28.83 17.68
CA LYS C 29 -34.40 28.28 19.01
C LYS C 29 -33.75 26.90 18.97
N VAL C 30 -32.88 26.62 19.94
CA VAL C 30 -32.19 25.35 20.01
C VAL C 30 -33.17 24.20 20.15
N SER C 31 -34.31 24.44 20.81
CA SER C 31 -35.32 23.39 20.94
C SER C 31 -35.84 22.95 19.58
N LYS C 32 -36.15 23.91 18.70
CA LYS C 32 -36.68 23.57 17.38
C LYS C 32 -35.61 22.90 16.51
N ALA C 33 -34.37 23.38 16.58
CA ALA C 33 -33.30 22.75 15.82
C ALA C 33 -33.07 21.32 16.27
N ALA C 34 -33.06 21.09 17.58
CA ALA C 34 -32.90 19.74 18.09
C ALA C 34 -34.06 18.85 17.69
N ALA C 35 -35.28 19.40 17.71
CA ALA C 35 -36.45 18.64 17.27
C ALA C 35 -36.32 18.25 15.81
N ASP C 36 -35.85 19.17 14.97
CA ASP C 36 -35.65 18.86 13.56
C ASP C 36 -34.58 17.78 13.39
N LEU C 37 -33.49 17.87 14.14
CA LEU C 37 -32.44 16.86 14.06
C LEU C 37 -32.98 15.48 14.42
N MET C 38 -33.72 15.39 15.54
CA MET C 38 -34.23 14.09 15.96
C MET C 38 -35.32 13.58 15.02
N ALA C 39 -36.14 14.48 14.47
CA ALA C 39 -37.14 14.06 13.49
C ALA C 39 -36.49 13.49 12.25
N TYR C 40 -35.43 14.14 11.75
CA TYR C 40 -34.71 13.60 10.60
C TYR C 40 -34.06 12.26 10.94
N CYS C 41 -33.49 12.14 12.13
CA CYS C 41 -32.83 10.89 12.50
C CYS C 41 -33.83 9.75 12.64
N GLU C 42 -35.05 10.04 13.07
CA GLU C 42 -36.05 8.98 13.23
C GLU C 42 -36.81 8.68 11.94
N ALA C 43 -36.93 9.65 11.04
CA ALA C 43 -37.65 9.41 9.79
C ALA C 43 -36.86 8.53 8.84
N HIS C 44 -35.54 8.44 9.00
CA HIS C 44 -34.70 7.62 8.14
C HIS C 44 -34.02 6.49 8.90
N ALA C 45 -34.58 6.09 10.05
CA ALA C 45 -33.96 5.04 10.84
C ALA C 45 -33.94 3.72 10.09
N LYS C 46 -35.02 3.39 9.39
CA LYS C 46 -35.09 2.13 8.66
C LYS C 46 -34.13 2.11 7.48
N GLU C 47 -33.89 3.26 6.86
CA GLU C 47 -32.98 3.35 5.72
C GLU C 47 -31.57 3.71 6.18
N ASP C 48 -30.99 2.84 7.00
CA ASP C 48 -29.63 3.02 7.52
C ASP C 48 -29.06 1.65 7.86
N PRO C 49 -28.32 1.04 6.94
CA PRO C 49 -27.76 -0.30 7.21
C PRO C 49 -26.81 -0.34 8.39
N LEU C 50 -26.18 0.79 8.74
CA LEU C 50 -25.24 0.78 9.86
C LEU C 50 -25.96 0.64 11.19
N LEU C 51 -27.13 1.26 11.31
CA LEU C 51 -27.91 1.15 12.55
C LEU C 51 -28.45 -0.26 12.72
N THR C 52 -29.29 -0.70 11.78
CA THR C 52 -29.90 -2.02 11.85
C THR C 52 -29.06 -3.00 11.04
N PRO C 53 -28.50 -4.03 11.66
CA PRO C 53 -27.68 -4.99 10.91
C PRO C 53 -28.49 -5.67 9.81
N VAL C 54 -28.09 -5.42 8.57
CA VAL C 54 -28.82 -5.96 7.41
C VAL C 54 -28.54 -7.46 7.31
N PRO C 55 -29.50 -8.28 6.89
CA PRO C 55 -29.20 -9.70 6.66
C PRO C 55 -28.18 -9.89 5.55
N ALA C 56 -27.42 -10.98 5.65
CA ALA C 56 -26.32 -11.23 4.72
C ALA C 56 -26.80 -11.38 3.28
N SER C 57 -28.07 -11.70 3.06
CA SER C 57 -28.57 -11.82 1.70
C SER C 57 -28.51 -10.48 0.97
N GLU C 58 -28.88 -9.40 1.65
CA GLU C 58 -28.86 -8.07 1.06
C GLU C 58 -27.58 -7.32 1.35
N ASN C 59 -26.60 -7.94 2.00
CA ASN C 59 -25.35 -7.28 2.33
C ASN C 59 -24.31 -7.60 1.28
N PRO C 60 -23.83 -6.62 0.51
CA PRO C 60 -22.84 -6.91 -0.53
C PRO C 60 -21.44 -7.15 -0.01
N PHE C 61 -21.19 -6.97 1.28
CA PHE C 61 -19.86 -7.16 1.84
C PHE C 61 -19.82 -8.37 2.75
N VAL D 2 -6.50 6.66 -32.10
CA VAL D 2 -6.45 5.21 -31.91
C VAL D 2 -6.55 4.51 -33.25
N GLN D 3 -5.52 3.71 -33.57
CA GLN D 3 -5.46 3.01 -34.84
C GLN D 3 -4.90 1.61 -34.62
N LEU D 4 -5.53 0.63 -35.25
CA LEU D 4 -5.05 -0.75 -35.28
C LEU D 4 -5.03 -1.16 -36.75
N VAL D 5 -3.86 -1.09 -37.38
CA VAL D 5 -3.73 -1.45 -38.80
C VAL D 5 -3.00 -2.78 -38.87
N GLU D 6 -3.63 -3.76 -39.51
CA GLU D 6 -3.09 -5.11 -39.56
C GLU D 6 -2.99 -5.58 -41.00
N SER D 7 -1.96 -6.38 -41.25
CA SER D 7 -1.61 -6.83 -42.59
C SER D 7 -1.08 -8.27 -42.51
N GLY D 8 -0.87 -8.85 -43.68
CA GLY D 8 -0.40 -10.23 -43.77
C GLY D 8 -1.37 -11.14 -44.51
N GLY D 9 -2.15 -10.56 -45.41
CA GLY D 9 -3.13 -11.30 -46.17
C GLY D 9 -2.61 -11.79 -47.49
N GLY D 10 -3.50 -11.86 -48.48
CA GLY D 10 -3.15 -12.31 -49.80
C GLY D 10 -3.32 -13.80 -49.99
N LEU D 11 -3.08 -14.24 -51.22
CA LEU D 11 -3.25 -15.65 -51.57
C LEU D 11 -2.25 -16.51 -50.81
N VAL D 12 -2.73 -17.64 -50.29
CA VAL D 12 -1.88 -18.58 -49.55
C VAL D 12 -2.17 -19.99 -50.05
N GLN D 13 -1.12 -20.75 -50.29
CA GLN D 13 -1.26 -22.15 -50.68
C GLN D 13 -1.82 -22.94 -49.50
N PRO D 14 -2.89 -23.71 -49.68
CA PRO D 14 -3.45 -24.46 -48.55
C PRO D 14 -2.44 -25.43 -47.96
N GLY D 15 -2.52 -25.60 -46.63
CA GLY D 15 -1.60 -26.42 -45.91
C GLY D 15 -0.31 -25.75 -45.51
N GLY D 16 -0.09 -24.50 -45.93
CA GLY D 16 1.12 -23.78 -45.61
C GLY D 16 1.04 -23.04 -44.29
N SER D 17 1.84 -21.97 -44.18
CA SER D 17 1.86 -21.17 -42.97
C SER D 17 1.91 -19.71 -43.36
N ARG D 18 1.41 -18.86 -42.45
CA ARG D 18 1.37 -17.42 -42.68
C ARG D 18 1.06 -16.72 -41.37
N LYS D 19 1.67 -15.55 -41.16
CA LYS D 19 1.44 -14.79 -39.93
C LYS D 19 0.88 -13.42 -40.26
N LEU D 20 -0.04 -12.96 -39.42
CA LEU D 20 -0.66 -11.64 -39.51
C LEU D 20 -0.10 -10.74 -38.42
N SER D 21 0.19 -9.50 -38.80
CA SER D 21 0.77 -8.52 -37.90
C SER D 21 -0.17 -7.32 -37.77
N CYS D 22 -0.51 -6.98 -36.54
CA CYS D 22 -1.41 -5.88 -36.22
C CYS D 22 -0.63 -4.83 -35.44
N SER D 23 -0.32 -3.71 -36.10
CA SER D 23 0.41 -2.62 -35.47
C SER D 23 -0.58 -1.60 -34.92
N ALA D 24 -0.41 -1.25 -33.66
CA ALA D 24 -1.34 -0.38 -32.94
C ALA D 24 -0.63 0.91 -32.56
N SER D 25 -1.26 2.04 -32.87
CA SER D 25 -0.71 3.34 -32.55
C SER D 25 -1.82 4.25 -32.05
N GLY D 26 -1.61 4.85 -30.88
CA GLY D 26 -2.57 5.81 -30.38
C GLY D 26 -3.17 5.47 -29.03
N PHE D 27 -2.70 4.39 -28.40
CA PHE D 27 -3.20 4.00 -27.11
C PHE D 27 -2.16 3.16 -26.40
N ALA D 28 -2.36 2.96 -25.10
CA ALA D 28 -1.45 2.17 -24.27
C ALA D 28 -1.66 0.70 -24.59
N PHE D 29 -0.95 0.24 -25.62
CA PHE D 29 -1.15 -1.11 -26.14
C PHE D 29 -0.91 -2.17 -25.08
N SER D 30 0.02 -1.94 -24.16
CA SER D 30 0.37 -2.94 -23.19
C SER D 30 -0.74 -3.21 -22.17
N SER D 31 -1.67 -2.28 -22.01
CA SER D 31 -2.73 -2.42 -21.01
C SER D 31 -3.99 -3.05 -21.56
N PHE D 32 -4.05 -3.35 -22.85
CA PHE D 32 -5.25 -3.87 -23.49
C PHE D 32 -5.07 -5.33 -23.85
N GLY D 33 -6.04 -6.16 -23.49
CA GLY D 33 -6.12 -7.48 -24.07
C GLY D 33 -6.50 -7.40 -25.54
N MET D 34 -6.03 -8.38 -26.31
CA MET D 34 -6.18 -8.34 -27.75
C MET D 34 -6.88 -9.58 -28.26
N HIS D 35 -7.79 -9.39 -29.20
CA HIS D 35 -8.56 -10.46 -29.80
C HIS D 35 -8.33 -10.49 -31.31
N TRP D 36 -8.35 -11.69 -31.87
CA TRP D 36 -8.42 -11.89 -33.30
C TRP D 36 -9.79 -12.49 -33.60
N VAL D 37 -10.55 -11.82 -34.48
CA VAL D 37 -11.90 -12.24 -34.84
C VAL D 37 -12.03 -12.19 -36.35
N ARG D 38 -12.46 -13.29 -36.96
CA ARG D 38 -12.52 -13.36 -38.41
C ARG D 38 -13.96 -13.41 -38.90
N GLN D 39 -14.14 -12.97 -40.15
CA GLN D 39 -15.44 -12.98 -40.81
C GLN D 39 -15.28 -13.60 -42.19
N ALA D 40 -15.97 -14.71 -42.43
CA ALA D 40 -15.90 -15.38 -43.71
C ALA D 40 -16.49 -14.50 -44.80
N PRO D 41 -16.11 -14.75 -46.06
CA PRO D 41 -16.54 -13.84 -47.14
C PRO D 41 -18.04 -13.74 -47.31
N GLU D 42 -18.82 -14.71 -46.83
CA GLU D 42 -20.27 -14.63 -46.94
C GLU D 42 -20.94 -15.04 -45.63
N LYS D 43 -20.25 -14.92 -44.50
CA LYS D 43 -20.79 -15.33 -43.22
C LYS D 43 -20.64 -14.24 -42.17
N GLY D 44 -20.97 -14.57 -40.92
CA GLY D 44 -20.85 -13.62 -39.83
C GLY D 44 -19.50 -13.69 -39.15
N LEU D 45 -19.40 -12.94 -38.05
CA LEU D 45 -18.16 -12.89 -37.31
C LEU D 45 -17.94 -14.17 -36.52
N GLU D 46 -16.68 -14.47 -36.23
CA GLU D 46 -16.31 -15.64 -35.47
C GLU D 46 -15.04 -15.35 -34.69
N TRP D 47 -15.04 -15.71 -33.41
CA TRP D 47 -13.91 -15.43 -32.53
C TRP D 47 -12.80 -16.44 -32.79
N VAL D 48 -11.57 -15.94 -32.96
CA VAL D 48 -10.44 -16.79 -33.27
C VAL D 48 -9.56 -16.96 -32.04
N ALA D 49 -9.02 -15.87 -31.52
CA ALA D 49 -8.02 -16.01 -30.47
C ALA D 49 -8.02 -14.78 -29.56
N TYR D 50 -7.38 -14.92 -28.40
CA TYR D 50 -7.30 -13.84 -27.43
C TYR D 50 -6.07 -14.01 -26.56
N ILE D 51 -5.34 -12.91 -26.33
CA ILE D 51 -4.27 -12.87 -25.34
C ILE D 51 -4.53 -11.73 -24.37
N SER D 52 -4.37 -12.03 -23.08
CA SER D 52 -4.60 -11.03 -22.05
C SER D 52 -3.53 -9.96 -22.11
N SER D 53 -3.68 -8.96 -21.25
CA SER D 53 -2.62 -7.99 -21.04
C SER D 53 -1.44 -8.68 -20.38
N GLY D 54 -0.23 -8.40 -20.86
CA GLY D 54 0.94 -9.06 -20.34
C GLY D 54 1.13 -10.50 -20.77
N SER D 55 0.34 -10.97 -21.73
CA SER D 55 0.47 -12.30 -22.31
C SER D 55 0.32 -13.42 -21.29
N GLY D 56 -0.32 -13.15 -20.16
CA GLY D 56 -0.43 -14.14 -19.12
C GLY D 56 -1.55 -15.13 -19.29
N THR D 57 -2.38 -14.99 -20.33
CA THR D 57 -3.52 -15.86 -20.52
C THR D 57 -3.89 -15.85 -22.00
N ILE D 58 -3.96 -17.03 -22.60
CA ILE D 58 -4.22 -17.17 -24.03
C ILE D 58 -5.37 -18.16 -24.22
N TYR D 59 -6.29 -17.81 -25.10
CA TYR D 59 -7.39 -18.70 -25.47
C TYR D 59 -7.53 -18.76 -26.98
N TYR D 60 -7.89 -19.94 -27.47
CA TYR D 60 -8.13 -20.17 -28.88
C TYR D 60 -9.50 -20.80 -29.08
N ALA D 61 -10.09 -20.53 -30.23
CA ALA D 61 -11.30 -21.22 -30.63
C ALA D 61 -10.99 -22.69 -30.89
N ASP D 62 -11.99 -23.54 -30.67
CA ASP D 62 -11.80 -24.98 -30.89
C ASP D 62 -11.47 -25.30 -32.33
N THR D 63 -11.88 -24.44 -33.27
CA THR D 63 -11.60 -24.71 -34.69
C THR D 63 -10.12 -24.55 -35.00
N VAL D 64 -9.50 -23.48 -34.53
CA VAL D 64 -8.13 -23.15 -34.90
C VAL D 64 -7.13 -23.50 -33.81
N LYS D 65 -7.57 -24.19 -32.75
CA LYS D 65 -6.66 -24.55 -31.68
C LYS D 65 -5.61 -25.52 -32.18
N GLY D 66 -4.38 -25.30 -31.79
CA GLY D 66 -3.26 -26.11 -32.27
C GLY D 66 -2.60 -25.59 -33.52
N ARG D 67 -3.41 -25.29 -34.54
CA ARG D 67 -2.86 -24.75 -35.79
C ARG D 67 -2.43 -23.31 -35.63
N PHE D 68 -3.18 -22.52 -34.86
CA PHE D 68 -2.94 -21.10 -34.72
C PHE D 68 -2.27 -20.80 -33.39
N THR D 69 -1.43 -19.78 -33.38
CA THR D 69 -0.84 -19.26 -32.15
C THR D 69 -0.84 -17.74 -32.21
N ILE D 70 -0.91 -17.11 -31.05
CA ILE D 70 -1.05 -15.67 -30.95
C ILE D 70 -0.07 -15.14 -29.91
N SER D 71 0.59 -14.03 -30.23
CA SER D 71 1.56 -13.43 -29.32
C SER D 71 1.55 -11.93 -29.52
N ARG D 72 2.29 -11.23 -28.66
CA ARG D 72 2.39 -9.79 -28.75
C ARG D 72 3.79 -9.34 -28.42
N ASP D 73 4.22 -8.26 -29.07
CA ASP D 73 5.46 -7.55 -28.76
C ASP D 73 5.04 -6.20 -28.18
N ASP D 74 4.98 -6.13 -26.86
CA ASP D 74 4.58 -4.89 -26.19
C ASP D 74 5.55 -3.75 -26.43
N PRO D 75 6.88 -3.91 -26.32
CA PRO D 75 7.76 -2.77 -26.61
C PRO D 75 7.59 -2.22 -28.01
N LYS D 76 7.31 -3.07 -28.99
CA LYS D 76 7.08 -2.62 -30.35
C LYS D 76 5.62 -2.34 -30.66
N ASN D 77 4.72 -2.60 -29.70
CA ASN D 77 3.28 -2.36 -29.87
C ASN D 77 2.73 -3.10 -31.07
N THR D 78 2.94 -4.42 -31.10
CA THR D 78 2.51 -5.20 -32.25
C THR D 78 1.87 -6.50 -31.78
N LEU D 79 0.93 -7.00 -32.58
CA LEU D 79 0.22 -8.24 -32.32
C LEU D 79 0.48 -9.21 -33.46
N PHE D 80 0.69 -10.49 -33.13
CA PHE D 80 1.05 -11.49 -34.13
C PHE D 80 0.11 -12.68 -34.01
N LEU D 81 -0.33 -13.18 -35.16
CA LEU D 81 -1.09 -14.42 -35.25
C LEU D 81 -0.45 -15.30 -36.31
N GLN D 82 0.22 -16.37 -35.86
CA GLN D 82 0.85 -17.32 -36.76
C GLN D 82 -0.11 -18.48 -37.01
N MET D 83 -0.25 -18.86 -38.28
CA MET D 83 -1.18 -19.92 -38.67
C MET D 83 -0.41 -20.98 -39.45
N THR D 84 -0.62 -22.23 -39.06
CA THR D 84 0.03 -23.38 -39.67
C THR D 84 -1.05 -24.35 -40.16
N SER D 85 -0.78 -24.99 -41.30
CA SER D 85 -1.72 -25.91 -41.93
C SER D 85 -3.03 -25.19 -42.27
N LEU D 86 -2.89 -24.12 -43.05
CA LEU D 86 -3.98 -23.20 -43.37
C LEU D 86 -4.90 -23.86 -44.39
N ARG D 87 -5.97 -24.49 -43.89
CA ARG D 87 -6.92 -25.15 -44.78
C ARG D 87 -7.80 -24.11 -45.49
N SER D 88 -8.69 -24.60 -46.34
CA SER D 88 -9.53 -23.73 -47.15
C SER D 88 -10.74 -23.18 -46.39
N GLU D 89 -11.00 -23.66 -45.19
CA GLU D 89 -12.06 -23.12 -44.35
C GLU D 89 -11.61 -21.95 -43.50
N ASP D 90 -10.35 -21.53 -43.64
CA ASP D 90 -9.80 -20.42 -42.88
C ASP D 90 -9.67 -19.15 -43.69
N THR D 91 -10.20 -19.12 -44.91
CA THR D 91 -10.17 -17.91 -45.72
C THR D 91 -11.24 -16.95 -45.25
N ALA D 92 -10.83 -15.76 -44.82
CA ALA D 92 -11.73 -14.80 -44.21
C ALA D 92 -11.01 -13.47 -44.03
N MET D 93 -11.76 -12.46 -43.62
CA MET D 93 -11.22 -11.17 -43.24
C MET D 93 -10.95 -11.17 -41.75
N TYR D 94 -9.71 -10.88 -41.35
CA TYR D 94 -9.30 -10.96 -39.96
C TYR D 94 -9.27 -9.57 -39.34
N TYR D 95 -9.84 -9.44 -38.15
CA TYR D 95 -9.98 -8.20 -37.43
C TYR D 95 -9.21 -8.28 -36.13
N CYS D 96 -8.51 -7.19 -35.83
CA CYS D 96 -7.73 -7.01 -34.63
C CYS D 96 -8.55 -6.17 -33.66
N VAL D 97 -8.90 -6.73 -32.51
CA VAL D 97 -9.89 -6.15 -31.61
C VAL D 97 -9.24 -5.83 -30.27
N ARG D 98 -9.57 -4.66 -29.74
CA ARG D 98 -9.08 -4.17 -28.47
C ARG D 98 -10.09 -4.48 -27.38
N SER D 99 -9.62 -4.82 -26.18
CA SER D 99 -10.56 -5.02 -25.07
C SER D 99 -9.83 -4.95 -23.75
N ILE D 100 -10.28 -4.06 -22.86
CA ILE D 100 -9.70 -3.89 -21.54
C ILE D 100 -10.78 -4.21 -20.51
N TYR D 101 -10.42 -5.00 -19.50
CA TYR D 101 -11.39 -5.50 -18.53
C TYR D 101 -11.05 -4.99 -17.13
N TYR D 102 -11.75 -3.96 -16.69
CA TYR D 102 -11.84 -3.63 -15.28
C TYR D 102 -13.30 -3.38 -14.95
N TYR D 103 -13.59 -2.91 -13.73
CA TYR D 103 -14.97 -2.67 -13.36
C TYR D 103 -15.53 -1.50 -14.15
N GLY D 104 -16.61 -1.74 -14.89
CA GLY D 104 -17.24 -0.69 -15.64
C GLY D 104 -16.55 -0.32 -16.93
N SER D 105 -15.66 -1.16 -17.43
CA SER D 105 -14.96 -0.88 -18.68
C SER D 105 -15.83 -1.23 -19.87
N SER D 106 -15.32 -0.96 -21.06
CA SER D 106 -16.04 -1.17 -22.32
C SER D 106 -15.17 -2.02 -23.24
N PRO D 107 -15.11 -3.33 -23.00
CA PRO D 107 -14.29 -4.19 -23.84
C PRO D 107 -14.90 -4.36 -25.23
N PHE D 108 -14.06 -4.81 -26.16
CA PHE D 108 -14.42 -4.98 -27.57
C PHE D 108 -14.83 -3.66 -28.20
N ASP D 109 -14.24 -2.56 -27.74
CA ASP D 109 -14.68 -1.23 -28.15
C ASP D 109 -14.11 -0.78 -29.48
N PHE D 110 -12.88 -1.13 -29.81
CA PHE D 110 -12.26 -0.70 -31.05
C PHE D 110 -11.83 -1.91 -31.88
N TRP D 111 -12.06 -1.82 -33.18
CA TRP D 111 -11.74 -2.88 -34.13
C TRP D 111 -10.78 -2.35 -35.18
N GLY D 112 -9.88 -3.19 -35.63
CA GLY D 112 -8.99 -2.83 -36.72
C GLY D 112 -9.74 -2.81 -38.04
N GLN D 113 -9.01 -2.48 -39.10
CA GLN D 113 -9.61 -2.37 -40.42
C GLN D 113 -9.71 -3.70 -41.14
N GLY D 114 -8.72 -4.59 -40.99
CA GLY D 114 -8.85 -5.93 -41.50
C GLY D 114 -7.89 -6.34 -42.60
N THR D 115 -7.41 -7.58 -42.53
CA THR D 115 -6.69 -8.22 -43.62
C THR D 115 -7.67 -9.08 -44.42
N THR D 116 -7.25 -9.47 -45.62
CA THR D 116 -8.13 -10.18 -46.54
C THR D 116 -7.47 -11.49 -46.98
N LEU D 117 -7.05 -12.27 -45.99
CA LEU D 117 -6.42 -13.56 -46.27
C LEU D 117 -7.33 -14.45 -47.10
N THR D 118 -6.77 -15.03 -48.15
CA THR D 118 -7.50 -15.91 -49.05
C THR D 118 -6.70 -17.19 -49.23
N VAL D 119 -7.34 -18.33 -49.00
CA VAL D 119 -6.71 -19.64 -49.13
C VAL D 119 -7.37 -20.36 -50.30
N SER D 120 -6.58 -20.68 -51.31
CA SER D 120 -7.11 -21.36 -52.49
C SER D 120 -7.50 -22.79 -52.13
N SER D 121 -8.61 -23.24 -52.69
CA SER D 121 -9.12 -24.59 -52.41
C SER D 121 -8.18 -25.65 -52.96
N SER D 136 -21.44 -27.65 -25.95
CA SER D 136 -20.82 -26.96 -24.81
C SER D 136 -20.80 -25.45 -25.04
N ASP D 137 -20.50 -25.06 -26.28
CA ASP D 137 -20.44 -23.65 -26.61
C ASP D 137 -21.83 -23.03 -26.54
N ILE D 138 -21.90 -21.80 -26.02
CA ILE D 138 -23.17 -21.11 -25.94
C ILE D 138 -23.57 -20.64 -27.34
N VAL D 139 -24.75 -21.04 -27.78
CA VAL D 139 -25.24 -20.73 -29.11
C VAL D 139 -26.12 -19.49 -29.04
N MET D 140 -25.76 -18.46 -29.79
CA MET D 140 -26.50 -17.21 -29.82
C MET D 140 -27.28 -17.15 -31.12
N THR D 141 -28.59 -16.96 -31.02
CA THR D 141 -29.48 -17.09 -32.17
C THR D 141 -30.20 -15.77 -32.42
N GLN D 142 -29.88 -15.11 -33.53
CA GLN D 142 -30.65 -13.99 -34.02
C GLN D 142 -31.67 -14.57 -35.00
N ALA D 143 -32.92 -14.71 -34.54
CA ALA D 143 -33.92 -15.46 -35.30
C ALA D 143 -34.15 -14.82 -36.68
N THR D 144 -34.42 -13.52 -36.70
CA THR D 144 -34.59 -12.82 -37.96
C THR D 144 -33.22 -12.56 -38.59
N SER D 145 -33.21 -12.47 -39.92
CA SER D 145 -31.98 -12.21 -40.66
C SER D 145 -32.03 -10.94 -41.50
N SER D 146 -33.20 -10.49 -41.93
CA SER D 146 -33.31 -9.26 -42.69
C SER D 146 -34.59 -8.55 -42.32
N VAL D 147 -34.51 -7.24 -42.09
CA VAL D 147 -35.67 -6.45 -41.68
C VAL D 147 -35.80 -5.22 -42.58
N PRO D 148 -36.95 -4.98 -43.18
CA PRO D 148 -37.17 -3.72 -43.90
C PRO D 148 -37.36 -2.57 -42.92
N VAL D 149 -36.73 -1.44 -43.22
CA VAL D 149 -36.72 -0.30 -42.33
C VAL D 149 -36.94 0.98 -43.13
N THR D 150 -37.71 1.91 -42.54
CA THR D 150 -37.97 3.23 -43.08
C THR D 150 -37.39 4.29 -42.15
N PRO D 151 -36.69 5.29 -42.68
CA PRO D 151 -36.11 6.32 -41.81
C PRO D 151 -37.17 7.02 -40.98
N GLY D 152 -36.80 7.36 -39.75
CA GLY D 152 -37.71 7.98 -38.81
C GLY D 152 -38.55 7.02 -38.00
N GLU D 153 -38.49 5.72 -38.29
CA GLU D 153 -39.26 4.73 -37.57
C GLU D 153 -38.42 4.16 -36.42
N SER D 154 -38.91 3.09 -35.80
CA SER D 154 -38.20 2.40 -34.73
C SER D 154 -38.24 0.90 -34.99
N VAL D 155 -37.11 0.23 -34.74
CA VAL D 155 -36.98 -1.21 -34.98
C VAL D 155 -36.45 -1.87 -33.73
N SER D 156 -36.58 -3.18 -33.68
CA SER D 156 -36.16 -3.95 -32.50
C SER D 156 -35.59 -5.28 -32.97
N ILE D 157 -34.27 -5.40 -32.90
CA ILE D 157 -33.59 -6.65 -33.21
C ILE D 157 -33.63 -7.55 -31.98
N SER D 158 -33.87 -8.83 -32.18
CA SER D 158 -34.01 -9.78 -31.09
C SER D 158 -32.82 -10.75 -31.06
N CYS D 159 -32.56 -11.28 -29.88
CA CYS D 159 -31.49 -12.25 -29.70
C CYS D 159 -31.89 -13.25 -28.63
N ARG D 160 -31.51 -14.51 -28.82
CA ARG D 160 -31.79 -15.57 -27.87
C ARG D 160 -30.50 -16.29 -27.54
N SER D 161 -30.46 -16.90 -26.35
CA SER D 161 -29.27 -17.57 -25.87
C SER D 161 -29.63 -18.96 -25.36
N SER D 162 -28.77 -19.93 -25.67
CA SER D 162 -28.98 -21.29 -25.16
C SER D 162 -28.81 -21.35 -23.65
N LYS D 163 -27.98 -20.48 -23.09
CA LYS D 163 -27.73 -20.43 -21.65
C LYS D 163 -28.03 -19.02 -21.15
N SER D 164 -28.47 -18.95 -19.90
CA SER D 164 -28.75 -17.65 -19.29
C SER D 164 -27.48 -16.84 -19.16
N LEU D 165 -27.36 -15.78 -19.97
CA LEU D 165 -26.17 -14.94 -19.94
C LEU D 165 -26.04 -14.18 -18.63
N LEU D 166 -27.13 -14.02 -17.89
CA LEU D 166 -27.07 -13.37 -16.58
C LEU D 166 -26.17 -14.17 -15.64
N HIS D 167 -25.31 -13.45 -14.93
CA HIS D 167 -24.37 -14.06 -14.00
C HIS D 167 -24.86 -13.84 -12.56
N SER D 168 -24.24 -14.57 -11.63
CA SER D 168 -24.63 -14.48 -10.23
C SER D 168 -24.39 -13.09 -9.67
N ASN D 169 -23.44 -12.33 -10.22
CA ASN D 169 -23.13 -11.02 -9.69
C ASN D 169 -23.99 -9.91 -10.28
N GLY D 170 -24.97 -10.25 -11.10
CA GLY D 170 -25.88 -9.26 -11.65
C GLY D 170 -25.51 -8.72 -13.01
N ASN D 171 -24.40 -9.14 -13.58
CA ASN D 171 -23.99 -8.69 -14.90
C ASN D 171 -24.52 -9.64 -15.95
N THR D 172 -25.13 -9.08 -17.00
CA THR D 172 -25.64 -9.85 -18.13
C THR D 172 -24.71 -9.56 -19.32
N TYR D 173 -23.79 -10.49 -19.57
CA TYR D 173 -22.72 -10.27 -20.54
C TYR D 173 -23.24 -10.47 -21.95
N LEU D 174 -23.83 -9.42 -22.51
CA LEU D 174 -24.28 -9.41 -23.89
C LEU D 174 -23.85 -8.12 -24.56
N TYR D 175 -23.16 -8.23 -25.68
CA TYR D 175 -22.68 -7.06 -26.42
C TYR D 175 -23.36 -7.02 -27.77
N TRP D 176 -23.71 -5.81 -28.21
CA TRP D 176 -24.32 -5.56 -29.50
C TRP D 176 -23.37 -4.73 -30.35
N PHE D 177 -23.06 -5.24 -31.54
CA PHE D 177 -22.18 -4.61 -32.50
C PHE D 177 -22.94 -4.25 -33.76
N LEU D 178 -22.47 -3.22 -34.45
CA LEU D 178 -23.03 -2.82 -35.74
C LEU D 178 -21.92 -2.79 -36.77
N GLN D 179 -22.15 -3.42 -37.92
CA GLN D 179 -21.21 -3.39 -39.03
C GLN D 179 -21.88 -2.72 -40.22
N ARG D 180 -21.38 -1.55 -40.60
CA ARG D 180 -21.83 -0.86 -41.79
C ARG D 180 -21.22 -1.49 -43.03
N PRO D 181 -21.84 -1.30 -44.20
CA PRO D 181 -21.29 -1.89 -45.42
C PRO D 181 -19.92 -1.33 -45.74
N GLY D 182 -18.94 -2.23 -45.90
CA GLY D 182 -17.58 -1.83 -46.20
C GLY D 182 -16.80 -1.28 -45.04
N GLN D 183 -17.24 -1.52 -43.80
CA GLN D 183 -16.59 -0.97 -42.63
C GLN D 183 -16.44 -2.06 -41.56
N SER D 184 -15.49 -1.84 -40.66
CA SER D 184 -15.31 -2.74 -39.54
C SER D 184 -16.46 -2.57 -38.55
N PRO D 185 -16.78 -3.62 -37.80
CA PRO D 185 -17.87 -3.51 -36.82
C PRO D 185 -17.55 -2.51 -35.72
N GLN D 186 -18.61 -1.92 -35.19
CA GLN D 186 -18.50 -0.86 -34.20
C GLN D 186 -19.33 -1.25 -32.99
N LEU D 187 -18.76 -1.11 -31.79
CA LEU D 187 -19.49 -1.45 -30.58
C LEU D 187 -20.67 -0.51 -30.39
N LEU D 188 -21.82 -1.08 -30.06
CA LEU D 188 -23.01 -0.31 -29.72
C LEU D 188 -23.38 -0.43 -28.26
N ILE D 189 -23.55 -1.65 -27.76
CA ILE D 189 -24.04 -1.90 -26.41
C ILE D 189 -23.10 -2.90 -25.74
N TYR D 190 -22.74 -2.64 -24.49
CA TYR D 190 -22.00 -3.61 -23.70
C TYR D 190 -22.75 -3.93 -22.41
N ARG D 191 -22.79 -5.22 -22.08
CA ARG D 191 -23.47 -5.72 -20.88
C ARG D 191 -24.97 -5.40 -20.92
N MET D 192 -25.53 -5.40 -22.13
CA MET D 192 -26.97 -5.46 -22.38
C MET D 192 -27.71 -4.16 -22.07
N SER D 193 -27.04 -3.18 -21.47
CA SER D 193 -27.72 -1.93 -21.15
C SER D 193 -26.90 -0.67 -21.42
N ASN D 194 -25.58 -0.74 -21.45
CA ASN D 194 -24.76 0.46 -21.47
C ASN D 194 -24.41 0.84 -22.90
N LEU D 195 -24.50 2.14 -23.18
CA LEU D 195 -24.17 2.68 -24.49
C LEU D 195 -22.68 2.97 -24.57
N ALA D 196 -22.06 2.57 -25.67
CA ALA D 196 -20.64 2.84 -25.86
C ALA D 196 -20.41 4.32 -26.13
N SER D 197 -19.20 4.77 -25.85
CA SER D 197 -18.85 6.17 -26.06
C SER D 197 -18.95 6.53 -27.54
N GLY D 198 -19.56 7.68 -27.81
CA GLY D 198 -19.74 8.14 -29.17
C GLY D 198 -20.93 7.56 -29.90
N VAL D 199 -21.71 6.71 -29.25
CA VAL D 199 -22.90 6.12 -29.86
C VAL D 199 -24.11 6.99 -29.52
N PRO D 200 -24.88 7.43 -30.52
CA PRO D 200 -26.06 8.26 -30.23
C PRO D 200 -27.06 7.50 -29.38
N ASP D 201 -27.75 8.24 -28.51
CA ASP D 201 -28.65 7.65 -27.52
C ASP D 201 -29.89 7.02 -28.13
N ARG D 202 -30.03 7.02 -29.46
CA ARG D 202 -31.18 6.36 -30.08
C ARG D 202 -31.16 4.87 -29.79
N PHE D 203 -29.99 4.24 -29.88
CA PHE D 203 -29.88 2.83 -29.56
C PHE D 203 -30.14 2.59 -28.08
N SER D 204 -30.80 1.48 -27.77
CA SER D 204 -31.00 1.08 -26.40
C SER D 204 -31.02 -0.44 -26.34
N GLY D 205 -30.57 -0.99 -25.22
CA GLY D 205 -30.53 -2.42 -25.02
C GLY D 205 -31.35 -2.80 -23.81
N SER D 206 -31.99 -3.97 -23.89
CA SER D 206 -32.79 -4.47 -22.78
C SER D 206 -32.90 -5.98 -22.92
N GLY D 207 -33.53 -6.60 -21.92
CA GLY D 207 -33.80 -8.01 -21.95
C GLY D 207 -33.34 -8.70 -20.68
N SER D 208 -33.69 -9.97 -20.59
CA SER D 208 -33.32 -10.83 -19.49
C SER D 208 -32.58 -12.04 -20.04
N GLY D 209 -32.19 -12.95 -19.14
CA GLY D 209 -31.45 -14.13 -19.52
C GLY D 209 -32.11 -14.90 -20.64
N THR D 210 -31.34 -15.17 -21.70
CA THR D 210 -31.74 -15.92 -22.89
C THR D 210 -32.76 -15.18 -23.76
N ALA D 211 -32.97 -13.88 -23.54
CA ALA D 211 -33.90 -13.14 -24.40
C ALA D 211 -33.56 -11.66 -24.31
N PHE D 212 -33.00 -11.09 -25.39
CA PHE D 212 -32.53 -9.73 -25.38
C PHE D 212 -33.02 -8.98 -26.61
N THR D 213 -33.08 -7.66 -26.48
CA THR D 213 -33.63 -6.79 -27.51
C THR D 213 -32.77 -5.55 -27.65
N LEU D 214 -32.49 -5.16 -28.89
CA LEU D 214 -31.85 -3.91 -29.22
C LEU D 214 -32.84 -3.05 -29.97
N THR D 215 -33.23 -1.93 -29.37
CA THR D 215 -34.25 -1.05 -29.93
C THR D 215 -33.61 0.23 -30.47
N ILE D 216 -33.89 0.53 -31.73
CA ILE D 216 -33.44 1.77 -32.37
C ILE D 216 -34.67 2.64 -32.58
N SER D 217 -34.68 3.81 -31.94
CA SER D 217 -35.80 4.73 -31.99
C SER D 217 -35.48 5.90 -32.91
N ARG D 218 -36.52 6.43 -33.55
CA ARG D 218 -36.43 7.47 -34.58
C ARG D 218 -35.20 7.25 -35.46
N LEU D 219 -35.18 6.06 -36.08
CA LEU D 219 -34.01 5.57 -36.81
C LEU D 219 -33.56 6.53 -37.89
N GLU D 220 -32.41 7.17 -37.66
CA GLU D 220 -31.80 8.01 -38.67
C GLU D 220 -30.94 7.16 -39.59
N ALA D 221 -30.81 7.61 -40.84
CA ALA D 221 -30.20 6.79 -41.87
C ALA D 221 -28.69 6.66 -41.64
N GLU D 222 -28.01 6.02 -42.58
CA GLU D 222 -26.57 5.80 -42.54
C GLU D 222 -26.15 4.95 -41.34
N ASP D 223 -27.09 4.22 -40.74
CA ASP D 223 -26.77 3.21 -39.74
C ASP D 223 -27.31 1.85 -40.15
N VAL D 224 -27.65 1.68 -41.42
CA VAL D 224 -28.10 0.39 -41.93
C VAL D 224 -26.90 -0.53 -42.07
N GLY D 225 -27.07 -1.77 -41.66
CA GLY D 225 -25.98 -2.72 -41.71
C GLY D 225 -26.38 -4.00 -41.03
N VAL D 226 -25.38 -4.76 -40.60
CA VAL D 226 -25.60 -6.03 -39.92
C VAL D 226 -25.39 -5.83 -38.44
N TYR D 227 -26.36 -6.26 -37.64
CA TYR D 227 -26.31 -6.14 -36.19
C TYR D 227 -25.94 -7.50 -35.60
N TYR D 228 -24.86 -7.52 -34.84
CA TYR D 228 -24.33 -8.76 -34.28
C TYR D 228 -24.52 -8.78 -32.77
N CYS D 229 -24.74 -9.98 -32.25
CA CYS D 229 -25.14 -10.20 -30.87
C CYS D 229 -24.16 -11.21 -30.28
N MET D 230 -23.20 -10.73 -29.49
CA MET D 230 -22.11 -11.57 -28.99
C MET D 230 -22.26 -11.78 -27.49
N GLN D 231 -21.99 -13.00 -27.04
CA GLN D 231 -21.95 -13.31 -25.63
C GLN D 231 -20.53 -13.18 -25.11
N HIS D 232 -20.41 -12.96 -23.80
CA HIS D 232 -19.09 -12.90 -23.18
C HIS D 232 -19.08 -13.60 -21.83
N LEU D 233 -20.00 -14.54 -21.60
CA LEU D 233 -20.04 -15.24 -20.32
C LEU D 233 -18.90 -16.25 -20.20
N GLU D 234 -18.65 -17.04 -21.25
CA GLU D 234 -17.63 -18.06 -21.23
C GLU D 234 -16.91 -18.10 -22.56
N TYR D 235 -15.65 -18.50 -22.52
CA TYR D 235 -14.92 -18.74 -23.76
C TYR D 235 -15.28 -20.12 -24.32
N PRO D 236 -15.37 -20.27 -25.64
CA PRO D 236 -15.16 -19.25 -26.68
C PRO D 236 -16.30 -18.26 -26.80
N LEU D 237 -16.00 -17.06 -27.27
CA LEU D 237 -17.01 -16.02 -27.44
C LEU D 237 -17.72 -16.25 -28.77
N THR D 238 -19.03 -16.51 -28.70
CA THR D 238 -19.80 -16.89 -29.87
C THR D 238 -20.68 -15.73 -30.30
N PHE D 239 -20.52 -15.28 -31.53
CA PHE D 239 -21.36 -14.23 -32.08
C PHE D 239 -22.70 -14.80 -32.55
N GLY D 240 -23.62 -13.90 -32.86
CA GLY D 240 -24.87 -14.29 -33.47
C GLY D 240 -24.74 -14.40 -34.98
N ALA D 241 -25.83 -14.82 -35.60
CA ALA D 241 -25.83 -14.99 -37.05
C ALA D 241 -25.76 -13.65 -37.78
N GLY D 242 -26.45 -12.64 -37.27
CA GLY D 242 -26.47 -11.34 -37.91
C GLY D 242 -27.84 -10.96 -38.43
N THR D 243 -28.22 -9.70 -38.26
CA THR D 243 -29.51 -9.19 -38.74
C THR D 243 -29.25 -7.97 -39.60
N LYS D 244 -29.74 -8.01 -40.84
CA LYS D 244 -29.48 -6.95 -41.80
C LYS D 244 -30.64 -5.97 -41.85
N LEU D 245 -30.33 -4.68 -41.81
CA LEU D 245 -31.32 -3.62 -41.95
C LEU D 245 -31.15 -3.00 -43.33
N GLU D 246 -32.21 -2.99 -44.11
CA GLU D 246 -32.20 -2.42 -45.45
C GLU D 246 -33.40 -1.51 -45.63
N LEU D 247 -33.19 -0.41 -46.33
CA LEU D 247 -34.26 0.56 -46.58
C LEU D 247 -35.27 0.02 -47.60
N LEU E 139 16.57 -52.45 30.91
CA LEU E 139 17.44 -51.83 31.90
C LEU E 139 17.07 -50.36 32.03
N ALA E 140 17.54 -49.70 33.08
CA ALA E 140 17.13 -48.33 33.36
C ALA E 140 17.51 -47.38 32.22
N LEU E 141 18.74 -47.50 31.70
CA LEU E 141 19.16 -46.61 30.63
C LEU E 141 18.33 -46.81 29.37
N ALA E 142 17.82 -48.02 29.16
CA ALA E 142 17.00 -48.30 27.99
C ALA E 142 15.71 -47.48 27.98
N ILE E 143 15.27 -47.01 29.14
CA ILE E 143 14.09 -46.16 29.21
C ILE E 143 14.52 -44.71 29.38
N ALA E 144 15.69 -44.51 30.01
CA ALA E 144 16.19 -43.15 30.20
C ALA E 144 16.52 -42.48 28.87
N ILE E 145 17.15 -43.22 27.96
CA ILE E 145 17.53 -42.66 26.68
C ILE E 145 16.30 -42.31 25.85
N THR E 146 15.31 -43.19 25.81
CA THR E 146 14.09 -42.88 25.06
C THR E 146 13.30 -41.77 25.73
N ALA E 147 13.38 -41.64 27.06
CA ALA E 147 12.78 -40.48 27.73
C ALA E 147 13.47 -39.20 27.31
N LEU E 148 14.81 -39.24 27.20
CA LEU E 148 15.54 -38.07 26.71
C LEU E 148 15.12 -37.71 25.30
N TYR E 149 15.01 -38.72 24.43
CA TYR E 149 14.53 -38.49 23.07
C TYR E 149 13.16 -37.82 23.08
N SER E 150 12.24 -38.37 23.88
CA SER E 150 10.87 -37.86 23.89
C SER E 150 10.80 -36.42 24.42
N ILE E 151 11.55 -36.12 25.48
CA ILE E 151 11.49 -34.78 26.05
C ILE E 151 12.12 -33.77 25.10
N VAL E 152 13.22 -34.15 24.44
CA VAL E 152 13.82 -33.25 23.45
C VAL E 152 12.84 -33.01 22.30
N CYS E 153 12.16 -34.06 21.86
CA CYS E 153 11.18 -33.90 20.79
C CYS E 153 10.05 -32.98 21.21
N VAL E 154 9.54 -33.14 22.44
CA VAL E 154 8.43 -32.31 22.91
C VAL E 154 8.86 -30.85 22.96
N VAL E 155 10.05 -30.60 23.51
CA VAL E 155 10.54 -29.23 23.61
C VAL E 155 10.70 -28.62 22.21
N GLY E 156 11.32 -29.36 21.29
CA GLY E 156 11.54 -28.83 19.96
C GLY E 156 10.25 -28.55 19.23
N LEU E 157 9.32 -29.51 19.25
CA LEU E 157 8.01 -29.30 18.64
C LEU E 157 7.34 -28.06 19.22
N PHE E 158 7.04 -28.09 20.52
CA PHE E 158 6.33 -26.98 21.15
C PHE E 158 6.98 -25.64 20.83
N GLY E 159 8.32 -25.56 20.95
CA GLY E 159 9.00 -24.30 20.68
C GLY E 159 8.82 -23.83 19.25
N ASN E 160 9.00 -24.74 18.29
CA ASN E 160 8.95 -24.31 16.89
C ASN E 160 7.52 -24.01 16.44
N PHE E 161 6.55 -24.78 16.92
CA PHE E 161 5.15 -24.47 16.64
C PHE E 161 4.77 -23.11 17.23
N LEU E 162 5.21 -22.84 18.46
CA LEU E 162 4.96 -21.54 19.06
C LEU E 162 5.59 -20.43 18.23
N VAL E 163 6.83 -20.64 17.78
CA VAL E 163 7.53 -19.61 17.01
C VAL E 163 6.81 -19.32 15.70
N MET E 164 6.41 -20.37 14.99
CA MET E 164 5.69 -20.17 13.73
C MET E 164 4.34 -19.48 13.97
N TYR E 165 3.64 -19.87 15.04
CA TYR E 165 2.37 -19.22 15.36
C TYR E 165 2.56 -17.74 15.64
N VAL E 166 3.58 -17.40 16.44
CA VAL E 166 3.85 -16.00 16.75
C VAL E 166 4.19 -15.23 15.49
N ILE E 167 5.01 -15.81 14.61
CA ILE E 167 5.39 -15.12 13.38
C ILE E 167 4.16 -14.87 12.50
N VAL E 168 3.32 -15.89 12.33
CA VAL E 168 2.20 -15.76 11.40
C VAL E 168 1.05 -14.96 11.99
N ARG E 169 1.00 -14.79 13.32
CA ARG E 169 -0.09 -14.08 13.95
C ARG E 169 0.24 -12.66 14.37
N TYR E 170 1.52 -12.34 14.57
CA TYR E 170 1.90 -11.02 15.06
C TYR E 170 2.80 -10.26 14.11
N THR E 171 3.80 -10.91 13.52
CA THR E 171 4.70 -10.26 12.57
C THR E 171 4.31 -10.52 11.12
N LYS E 172 3.57 -11.59 10.85
CA LYS E 172 2.93 -11.87 9.57
C LYS E 172 3.92 -12.08 8.42
N MET E 173 5.22 -12.21 8.71
CA MET E 173 6.25 -12.38 7.68
C MET E 173 6.22 -11.22 6.69
N LYS E 174 6.44 -10.01 7.22
CA LYS E 174 6.39 -8.80 6.41
C LYS E 174 7.77 -8.28 6.02
N THR E 175 8.74 -8.35 6.93
CA THR E 175 10.06 -7.79 6.65
C THR E 175 10.84 -8.70 5.71
N ALA E 176 12.03 -8.27 5.34
CA ALA E 176 12.92 -9.12 4.55
C ALA E 176 13.30 -10.36 5.32
N THR E 177 13.58 -10.22 6.61
CA THR E 177 13.74 -11.36 7.50
C THR E 177 12.36 -11.83 7.94
N ASN E 178 12.31 -12.70 8.95
CA ASN E 178 11.09 -13.32 9.47
C ASN E 178 10.56 -14.37 8.50
N ILE E 179 11.14 -14.44 7.30
CA ILE E 179 10.99 -15.61 6.46
C ILE E 179 12.03 -16.66 6.81
N TYR E 180 13.26 -16.21 7.07
CA TYR E 180 14.31 -17.13 7.48
C TYR E 180 13.99 -17.75 8.83
N ILE E 181 13.46 -16.98 9.77
CA ILE E 181 13.13 -17.53 11.08
C ILE E 181 11.98 -18.54 10.95
N PHE E 182 10.98 -18.22 10.13
CA PHE E 182 9.89 -19.16 9.91
C PHE E 182 10.39 -20.44 9.27
N ASN E 183 11.28 -20.32 8.27
CA ASN E 183 11.88 -21.50 7.62
C ASN E 183 12.63 -22.33 8.67
N LEU E 184 13.45 -21.68 9.51
CA LEU E 184 14.25 -22.41 10.48
C LEU E 184 13.35 -23.13 11.48
N ALA E 185 12.30 -22.45 11.95
CA ALA E 185 11.37 -23.08 12.88
C ALA E 185 10.68 -24.28 12.24
N LEU E 186 10.24 -24.14 10.99
CA LEU E 186 9.58 -25.23 10.30
C LEU E 186 10.51 -26.42 10.14
N ALA E 187 11.75 -26.16 9.71
CA ALA E 187 12.71 -27.24 9.50
C ALA E 187 13.07 -27.93 10.81
N ASP E 188 13.26 -27.16 11.89
CA ASP E 188 13.58 -27.76 13.17
C ASP E 188 12.41 -28.59 13.69
N ALA E 189 11.18 -28.11 13.53
CA ALA E 189 10.03 -28.88 13.95
C ALA E 189 9.92 -30.18 13.16
N LEU E 190 10.13 -30.10 11.84
CA LEU E 190 10.05 -31.30 11.01
C LEU E 190 11.14 -32.30 11.39
N ALA E 191 12.36 -31.82 11.64
CA ALA E 191 13.44 -32.70 12.03
C ALA E 191 13.18 -33.35 13.39
N THR E 192 12.71 -32.56 14.36
CA THR E 192 12.42 -33.11 15.68
C THR E 192 11.22 -34.05 15.67
N SER E 193 10.33 -33.92 14.68
CA SER E 193 9.17 -34.80 14.61
C SER E 193 9.55 -36.26 14.44
N THR E 194 10.73 -36.55 13.90
CA THR E 194 11.15 -37.92 13.73
C THR E 194 11.61 -38.57 15.02
N LEU E 195 11.94 -37.79 16.04
CA LEU E 195 12.53 -38.31 17.26
C LEU E 195 11.74 -39.45 17.92
N PRO E 196 10.41 -39.42 18.00
CA PRO E 196 9.70 -40.58 18.57
C PRO E 196 9.96 -41.86 17.80
N PHE E 197 10.27 -41.78 16.50
CA PHE E 197 10.54 -42.99 15.74
C PHE E 197 11.84 -43.66 16.19
N GLN E 198 12.89 -42.86 16.39
CA GLN E 198 14.18 -43.39 16.93
C GLN E 198 13.97 -43.84 18.38
N SER E 199 13.04 -43.20 19.12
CA SER E 199 12.71 -43.62 20.48
C SER E 199 12.07 -45.01 20.47
N VAL E 200 11.09 -45.22 19.60
CA VAL E 200 10.43 -46.51 19.48
C VAL E 200 11.41 -47.57 19.04
N ASN E 201 12.25 -47.25 18.04
CA ASN E 201 13.21 -48.20 17.51
C ASN E 201 14.15 -48.69 18.59
N TYR E 202 14.66 -47.78 19.42
CA TYR E 202 15.52 -48.20 20.51
C TYR E 202 14.72 -48.93 21.59
N LEU E 203 13.47 -48.51 21.81
CA LEU E 203 12.66 -49.10 22.87
C LEU E 203 12.44 -50.58 22.64
N MET E 204 12.00 -50.96 21.45
CA MET E 204 11.80 -52.38 21.15
C MET E 204 12.91 -52.99 20.31
N GLY E 205 13.96 -52.24 20.00
CA GLY E 205 15.11 -52.81 19.32
C GLY E 205 14.88 -53.19 17.87
N THR E 206 13.69 -52.96 17.33
CA THR E 206 13.34 -53.33 15.98
C THR E 206 12.59 -52.20 15.32
N TRP E 207 12.16 -52.41 14.08
CA TRP E 207 11.39 -51.42 13.33
C TRP E 207 10.02 -51.99 13.02
N PRO E 208 9.00 -51.72 13.85
CA PRO E 208 7.67 -52.27 13.58
C PRO E 208 6.94 -51.56 12.46
N PHE E 209 7.43 -50.38 12.03
CA PHE E 209 6.69 -49.56 11.10
C PHE E 209 6.85 -50.00 9.65
N GLY E 210 7.71 -50.99 9.39
CA GLY E 210 7.82 -51.57 8.07
C GLY E 210 8.49 -50.65 7.06
N ASN E 211 8.48 -51.12 5.81
CA ASN E 211 9.07 -50.36 4.70
C ASN E 211 8.18 -49.21 4.26
N ILE E 212 6.93 -49.14 4.72
CA ILE E 212 6.05 -48.07 4.28
C ILE E 212 6.53 -46.72 4.77
N LEU E 213 6.98 -46.65 6.03
CA LEU E 213 7.33 -45.34 6.66
C LEU E 213 8.81 -44.98 6.59
N CYS E 214 9.74 -45.91 6.87
CA CYS E 214 11.14 -45.51 6.94
C CYS E 214 11.82 -45.46 5.57
N LYS E 215 11.01 -45.35 4.52
CA LYS E 215 11.59 -45.05 3.20
C LYS E 215 11.37 -43.54 3.05
N ILE E 216 10.78 -42.91 4.07
CA ILE E 216 10.44 -41.45 4.00
C ILE E 216 10.69 -40.72 5.33
N VAL E 217 10.75 -41.40 6.49
CA VAL E 217 11.06 -40.75 7.76
C VAL E 217 12.57 -40.54 7.89
N ILE E 218 13.36 -41.51 7.44
CA ILE E 218 14.81 -41.28 7.31
C ILE E 218 15.05 -40.19 6.29
N SER E 219 14.25 -40.17 5.23
CA SER E 219 14.32 -39.09 4.24
C SER E 219 14.01 -37.76 4.89
N ILE E 220 12.97 -37.71 5.72
CA ILE E 220 12.59 -36.48 6.40
C ILE E 220 13.74 -36.01 7.30
N ASP E 221 14.34 -36.94 8.05
CA ASP E 221 15.42 -36.57 8.96
C ASP E 221 16.63 -36.01 8.21
N TYR E 222 17.11 -36.75 7.20
CA TYR E 222 18.29 -36.31 6.47
C TYR E 222 18.02 -35.04 5.69
N TYR E 223 16.79 -34.84 5.21
CA TYR E 223 16.45 -33.64 4.47
C TYR E 223 16.38 -32.43 5.39
N ASN E 224 15.74 -32.58 6.55
CA ASN E 224 15.54 -31.45 7.43
C ASN E 224 16.81 -31.04 8.15
N MET E 225 17.73 -31.97 8.40
CA MET E 225 19.05 -31.60 8.98
C MET E 225 19.75 -30.62 8.03
N PHE E 226 19.74 -30.90 6.72
CA PHE E 226 20.36 -30.02 5.74
C PHE E 226 19.60 -28.71 5.59
N THR E 227 18.26 -28.76 5.60
CA THR E 227 17.50 -27.51 5.48
C THR E 227 17.80 -26.58 6.64
N SER E 228 17.79 -27.11 7.87
CA SER E 228 18.06 -26.26 9.03
C SER E 228 19.48 -25.71 9.00
N ILE E 229 20.47 -26.54 8.67
CA ILE E 229 21.84 -26.06 8.64
C ILE E 229 22.01 -24.98 7.57
N PHE E 230 21.43 -25.19 6.39
CA PHE E 230 21.60 -24.23 5.33
C PHE E 230 20.83 -22.93 5.59
N THR E 231 19.70 -23.00 6.29
CA THR E 231 19.04 -21.75 6.63
C THR E 231 19.78 -21.01 7.74
N LEU E 232 20.46 -21.72 8.63
CA LEU E 232 21.35 -21.05 9.57
C LEU E 232 22.48 -20.32 8.84
N CYS E 233 23.10 -20.99 7.87
CA CYS E 233 24.15 -20.36 7.09
C CYS E 233 23.61 -19.16 6.31
N THR E 234 22.39 -19.28 5.77
CA THR E 234 21.78 -18.19 5.03
C THR E 234 21.51 -17.00 5.93
N MET E 235 21.03 -17.23 7.14
CA MET E 235 20.83 -16.11 8.07
C MET E 235 22.15 -15.44 8.41
N SER E 236 23.21 -16.23 8.64
CA SER E 236 24.50 -15.63 8.94
C SER E 236 25.00 -14.78 7.78
N VAL E 237 24.87 -15.30 6.55
CA VAL E 237 25.31 -14.53 5.38
C VAL E 237 24.45 -13.29 5.19
N ASP E 238 23.15 -13.39 5.48
CA ASP E 238 22.27 -12.23 5.38
C ASP E 238 22.72 -11.13 6.33
N ARG E 239 23.00 -11.49 7.59
CA ARG E 239 23.44 -10.49 8.54
C ARG E 239 24.79 -9.90 8.16
N TYR E 240 25.69 -10.74 7.66
CA TYR E 240 26.99 -10.22 7.21
C TYR E 240 26.83 -9.24 6.07
N ILE E 241 25.96 -9.55 5.10
CA ILE E 241 25.74 -8.64 3.99
C ILE E 241 25.10 -7.34 4.49
N ALA E 242 24.15 -7.46 5.42
CA ALA E 242 23.45 -6.28 5.93
C ALA E 242 24.41 -5.34 6.64
N VAL E 243 25.34 -5.88 7.41
CA VAL E 243 26.22 -5.02 8.21
C VAL E 243 27.44 -4.57 7.40
N CYS E 244 28.12 -5.48 6.73
CA CYS E 244 29.39 -5.18 6.08
C CYS E 244 29.23 -4.70 4.63
N HIS E 245 28.02 -4.68 4.10
CA HIS E 245 27.78 -4.20 2.73
C HIS E 245 26.41 -3.54 2.68
N PRO E 246 26.30 -2.31 3.17
CA PRO E 246 24.98 -1.67 3.25
C PRO E 246 24.35 -1.35 1.90
N VAL E 247 25.10 -0.68 1.02
CA VAL E 247 24.54 -0.25 -0.26
C VAL E 247 24.18 -1.46 -1.13
N LYS E 248 24.96 -2.54 -1.05
CA LYS E 248 24.60 -3.74 -1.80
C LYS E 248 23.43 -4.47 -1.15
N ALA E 249 23.34 -4.43 0.18
CA ALA E 249 22.19 -5.02 0.84
C ALA E 249 20.91 -4.28 0.49
N LEU E 250 21.01 -3.00 0.14
CA LEU E 250 19.83 -2.28 -0.32
C LEU E 250 19.26 -2.92 -1.58
N ASP E 251 20.13 -3.31 -2.51
CA ASP E 251 19.67 -3.97 -3.73
C ASP E 251 19.25 -5.41 -3.47
N PHE E 252 20.01 -6.13 -2.64
CA PHE E 252 19.83 -7.58 -2.57
C PHE E 252 18.67 -7.99 -1.66
N ARG E 253 18.76 -7.68 -0.38
CA ARG E 253 17.89 -8.34 0.60
C ARG E 253 16.53 -7.65 0.65
N THR E 254 15.57 -8.28 -0.03
CA THR E 254 14.16 -7.93 -0.02
C THR E 254 13.35 -9.16 0.33
N PRO E 255 12.12 -8.99 0.82
CA PRO E 255 11.31 -10.18 1.17
C PRO E 255 11.13 -11.15 0.03
N ARG E 256 10.95 -10.64 -1.19
CA ARG E 256 10.83 -11.53 -2.34
C ARG E 256 12.10 -12.34 -2.55
N ASN E 257 13.26 -11.67 -2.49
CA ASN E 257 14.52 -12.39 -2.60
C ASN E 257 14.74 -13.34 -1.44
N ALA E 258 14.22 -13.00 -0.26
CA ALA E 258 14.28 -13.92 0.87
C ALA E 258 13.51 -15.20 0.54
N LYS E 259 12.32 -15.07 -0.04
CA LYS E 259 11.56 -16.27 -0.43
C LYS E 259 12.29 -17.06 -1.51
N ILE E 260 12.90 -16.36 -2.47
CA ILE E 260 13.66 -17.03 -3.52
C ILE E 260 14.79 -17.86 -2.92
N VAL E 261 15.55 -17.26 -2.01
CA VAL E 261 16.67 -17.96 -1.39
C VAL E 261 16.17 -19.11 -0.53
N ASN E 262 15.02 -18.93 0.14
CA ASN E 262 14.45 -19.99 0.95
C ASN E 262 14.10 -21.22 0.10
N VAL E 263 13.35 -21.00 -0.98
CA VAL E 263 12.97 -22.13 -1.82
C VAL E 263 14.20 -22.72 -2.50
N CYS E 264 15.21 -21.90 -2.80
CA CYS E 264 16.44 -22.44 -3.36
C CYS E 264 17.14 -23.35 -2.36
N ASN E 265 17.15 -22.97 -1.07
CA ASN E 265 17.74 -23.82 -0.05
C ASN E 265 17.01 -25.15 0.04
N TRP E 266 15.68 -25.11 0.04
CA TRP E 266 14.92 -26.36 0.10
C TRP E 266 15.20 -27.24 -1.12
N ILE E 267 15.24 -26.64 -2.31
CA ILE E 267 15.50 -27.41 -3.52
C ILE E 267 16.89 -28.02 -3.47
N LEU E 268 17.89 -27.25 -3.04
CA LEU E 268 19.25 -27.77 -3.03
C LEU E 268 19.41 -28.88 -2.00
N SER E 269 18.75 -28.75 -0.85
CA SER E 269 18.76 -29.84 0.13
C SER E 269 17.99 -31.06 -0.36
N SER E 270 17.07 -30.89 -1.31
CA SER E 270 16.46 -32.06 -1.93
C SER E 270 17.49 -32.97 -2.59
N ALA E 271 18.65 -32.44 -2.96
CA ALA E 271 19.69 -33.25 -3.59
C ALA E 271 20.21 -34.34 -2.67
N ILE E 272 20.01 -34.21 -1.37
CA ILE E 272 20.24 -35.31 -0.44
C ILE E 272 18.94 -35.89 0.10
N GLY E 273 17.85 -35.12 0.06
CA GLY E 273 16.57 -35.66 0.51
C GLY E 273 16.08 -36.80 -0.36
N LEU E 274 16.34 -36.72 -1.68
CA LEU E 274 15.82 -37.70 -2.63
C LEU E 274 16.63 -39.00 -2.69
N PRO E 275 17.96 -38.96 -2.82
CA PRO E 275 18.70 -40.22 -2.85
C PRO E 275 18.51 -41.06 -1.60
N VAL E 276 18.41 -40.42 -0.44
CA VAL E 276 18.14 -41.18 0.78
C VAL E 276 16.71 -41.71 0.78
N MET E 277 15.81 -41.10 0.01
CA MET E 277 14.47 -41.65 -0.12
C MET E 277 14.47 -42.88 -1.02
N PHE E 278 15.25 -42.85 -2.10
CA PHE E 278 15.34 -44.00 -2.99
C PHE E 278 16.29 -45.07 -2.47
N MET E 279 16.98 -44.80 -1.36
CA MET E 279 18.04 -45.67 -0.89
C MET E 279 17.74 -46.35 0.45
N ALA E 280 16.78 -45.84 1.22
CA ALA E 280 16.58 -46.30 2.59
C ALA E 280 15.78 -47.60 2.65
N THR E 281 16.21 -48.61 1.91
CA THR E 281 15.48 -49.87 1.87
C THR E 281 15.56 -50.59 3.21
N THR E 282 14.44 -51.18 3.62
CA THR E 282 14.40 -51.94 4.87
C THR E 282 15.15 -53.26 4.71
N LYS E 283 15.93 -53.60 5.73
CA LYS E 283 16.65 -54.86 5.77
C LYS E 283 16.14 -55.72 6.91
N TYR E 284 16.66 -56.93 7.00
CA TYR E 284 16.35 -57.85 8.09
C TYR E 284 17.57 -57.89 9.01
N ARG E 285 17.41 -57.38 10.23
CA ARG E 285 18.54 -57.21 11.13
C ARG E 285 19.02 -58.57 11.65
N GLN E 286 20.01 -58.51 12.54
CA GLN E 286 20.44 -59.73 13.23
C GLN E 286 19.31 -60.30 14.08
N GLY E 287 18.73 -59.47 14.94
CA GLY E 287 17.62 -59.94 15.75
C GLY E 287 16.32 -60.13 15.00
N SER E 288 15.65 -59.03 14.65
CA SER E 288 14.41 -59.17 13.87
C SER E 288 14.34 -58.25 12.66
N ILE E 289 14.69 -56.98 12.82
CA ILE E 289 14.48 -56.00 11.76
C ILE E 289 15.18 -54.67 12.05
N ASP E 290 15.61 -53.99 10.99
CA ASP E 290 16.06 -52.60 11.03
C ASP E 290 16.11 -52.12 9.59
N CYS E 291 16.13 -50.80 9.42
CA CYS E 291 16.28 -50.23 8.08
C CYS E 291 17.33 -49.14 8.08
N THR E 292 18.38 -49.34 7.29
CA THR E 292 19.44 -48.36 7.09
C THR E 292 19.60 -48.09 5.60
N LEU E 293 20.65 -47.38 5.22
CA LEU E 293 20.92 -47.06 3.82
C LEU E 293 21.82 -48.12 3.21
N THR E 294 21.39 -48.69 2.09
CA THR E 294 22.14 -49.72 1.39
C THR E 294 22.48 -49.24 -0.02
N PHE E 295 23.66 -49.60 -0.49
CA PHE E 295 24.14 -49.19 -1.80
C PHE E 295 24.54 -50.43 -2.62
N SER E 296 25.11 -50.19 -3.79
CA SER E 296 25.59 -51.24 -4.66
C SER E 296 27.10 -51.43 -4.46
N HIS E 297 27.66 -52.34 -5.24
CA HIS E 297 29.09 -52.60 -5.16
C HIS E 297 29.86 -51.40 -5.70
N PRO E 298 30.87 -50.89 -4.96
CA PRO E 298 31.20 -51.40 -3.63
C PRO E 298 30.68 -50.51 -2.50
N THR E 299 30.15 -51.13 -1.44
CA THR E 299 29.79 -50.37 -0.25
C THR E 299 31.03 -49.80 0.43
N TRP E 300 32.21 -50.36 0.18
CA TRP E 300 33.44 -49.81 0.70
C TRP E 300 33.69 -48.40 0.19
N TYR E 301 33.16 -48.07 -0.99
CA TYR E 301 33.40 -46.76 -1.60
C TYR E 301 32.21 -45.83 -1.52
N TRP E 302 31.00 -46.34 -1.28
CA TRP E 302 29.81 -45.50 -1.36
C TRP E 302 29.38 -44.97 0.01
N GLU E 303 29.33 -45.84 1.03
CA GLU E 303 28.86 -45.40 2.34
C GLU E 303 29.85 -44.43 2.98
N ASN E 304 31.15 -44.73 2.90
CA ASN E 304 32.15 -43.79 3.40
C ASN E 304 32.11 -42.49 2.62
N LEU E 305 31.83 -42.57 1.32
CA LEU E 305 31.69 -41.35 0.53
C LEU E 305 30.52 -40.52 1.02
N LEU E 306 29.39 -41.15 1.32
CA LEU E 306 28.25 -40.42 1.86
C LEU E 306 28.59 -39.79 3.21
N LYS E 307 29.26 -40.52 4.09
CA LYS E 307 29.62 -39.97 5.39
C LYS E 307 30.56 -38.78 5.25
N ILE E 308 31.56 -38.90 4.37
CA ILE E 308 32.50 -37.80 4.17
C ILE E 308 31.80 -36.61 3.56
N CYS E 309 30.91 -36.85 2.60
CA CYS E 309 30.21 -35.73 1.96
C CYS E 309 29.29 -35.02 2.94
N VAL E 310 28.56 -35.76 3.78
CA VAL E 310 27.67 -35.11 4.74
C VAL E 310 28.47 -34.37 5.80
N PHE E 311 29.62 -34.94 6.20
CA PHE E 311 30.48 -34.23 7.15
C PHE E 311 31.03 -32.95 6.55
N ILE E 312 31.42 -32.98 5.28
CA ILE E 312 32.00 -31.80 4.65
C ILE E 312 30.95 -30.73 4.38
N PHE E 313 29.76 -31.11 3.93
CA PHE E 313 28.74 -30.14 3.55
C PHE E 313 27.74 -29.86 4.65
N ALA E 314 27.91 -30.45 5.83
CA ALA E 314 27.03 -30.16 6.95
C ALA E 314 27.78 -29.70 8.20
N PHE E 315 29.09 -29.89 8.27
CA PHE E 315 29.87 -29.41 9.40
C PHE E 315 30.97 -28.45 9.00
N ILE E 316 31.81 -28.82 8.02
CA ILE E 316 32.99 -28.00 7.73
C ILE E 316 32.59 -26.72 7.03
N MET E 317 31.87 -26.82 5.92
CA MET E 317 31.43 -25.62 5.22
C MET E 317 30.52 -24.74 6.07
N PRO E 318 29.48 -25.26 6.76
CA PRO E 318 28.67 -24.37 7.59
C PRO E 318 29.44 -23.64 8.66
N VAL E 319 30.39 -24.31 9.33
CA VAL E 319 31.17 -23.64 10.35
C VAL E 319 32.08 -22.58 9.73
N LEU E 320 32.79 -22.95 8.67
CA LEU E 320 33.69 -22.00 8.01
C LEU E 320 32.92 -20.83 7.40
N ILE E 321 31.61 -20.97 7.19
CA ILE E 321 30.81 -19.86 6.70
C ILE E 321 30.35 -18.98 7.86
N ILE E 322 29.67 -19.59 8.84
CA ILE E 322 29.03 -18.77 9.86
C ILE E 322 30.07 -18.13 10.77
N THR E 323 31.14 -18.85 11.13
CA THR E 323 32.16 -18.25 11.97
C THR E 323 32.83 -17.08 11.27
N VAL E 324 33.16 -17.23 9.98
CA VAL E 324 33.81 -16.16 9.25
C VAL E 324 32.88 -14.96 9.11
N CYS E 325 31.61 -15.21 8.77
CA CYS E 325 30.67 -14.10 8.57
C CYS E 325 30.43 -13.35 9.86
N TYR E 326 30.17 -14.07 10.96
CA TYR E 326 29.99 -13.43 12.25
C TYR E 326 31.27 -12.83 12.82
N GLY E 327 32.44 -13.23 12.33
CA GLY E 327 33.66 -12.57 12.75
C GLY E 327 33.83 -11.25 12.04
N LEU E 328 33.64 -11.27 10.73
CA LEU E 328 33.72 -10.03 9.96
C LEU E 328 32.66 -9.04 10.39
N MET E 329 31.47 -9.51 10.75
CA MET E 329 30.41 -8.60 11.20
C MET E 329 30.81 -7.89 12.48
N ILE E 330 31.39 -8.60 13.44
CA ILE E 330 31.81 -7.97 14.68
C ILE E 330 33.00 -7.04 14.43
N LEU E 331 33.92 -7.44 13.55
CA LEU E 331 35.04 -6.57 13.22
C LEU E 331 34.56 -5.27 12.60
N ARG E 332 33.50 -5.32 11.78
CA ARG E 332 32.93 -4.09 11.26
C ARG E 332 32.21 -3.31 12.33
N LEU E 333 31.43 -3.98 13.19
CA LEU E 333 30.64 -3.30 14.20
C LEU E 333 31.49 -2.62 15.26
N LYS E 334 32.74 -3.05 15.44
CA LYS E 334 33.62 -2.35 16.38
C LYS E 334 33.85 -0.90 15.99
N SER E 335 33.70 -0.57 14.71
CA SER E 335 34.02 0.75 14.18
C SER E 335 32.80 1.48 13.65
N VAL E 336 31.68 1.42 14.40
CA VAL E 336 30.46 2.12 14.05
C VAL E 336 30.18 3.16 15.12
N ARG E 337 29.94 4.40 14.70
CA ARG E 337 29.78 5.50 15.65
C ARG E 337 28.57 5.35 16.55
N MET E 338 27.63 4.46 16.22
CA MET E 338 26.47 4.24 17.07
C MET E 338 26.75 3.21 18.16
N LEU E 339 27.96 2.65 18.21
CA LEU E 339 28.31 1.67 19.22
C LEU E 339 29.70 1.92 19.79
N SER E 340 30.15 3.18 19.80
CA SER E 340 31.53 3.52 20.14
C SER E 340 31.70 3.91 21.61
N GLY E 341 31.03 4.96 22.06
CA GLY E 341 31.17 5.43 23.43
C GLY E 341 29.87 5.31 24.19
N SER E 342 29.65 6.16 25.19
CA SER E 342 28.34 6.24 25.83
C SER E 342 27.91 4.89 26.39
N LYS E 343 28.49 4.50 27.53
CA LYS E 343 28.56 3.13 28.04
C LYS E 343 27.34 2.28 27.74
N GLU E 344 26.13 2.88 27.74
CA GLU E 344 24.95 2.14 27.27
C GLU E 344 25.18 1.56 25.88
N LYS E 345 25.80 2.33 24.97
CA LYS E 345 26.04 1.80 23.63
C LYS E 345 27.07 0.67 23.65
N ASP E 346 28.08 0.78 24.53
CA ASP E 346 29.04 -0.31 24.69
C ASP E 346 28.35 -1.56 25.22
N ARG E 347 27.39 -1.40 26.12
CA ARG E 347 26.61 -2.53 26.60
C ARG E 347 25.82 -3.15 25.46
N ASN E 348 25.27 -2.32 24.58
CA ASN E 348 24.56 -2.85 23.42
C ASN E 348 25.49 -3.65 22.51
N LEU E 349 26.70 -3.14 22.27
CA LEU E 349 27.66 -3.86 21.44
C LEU E 349 28.07 -5.18 22.09
N ARG E 350 28.29 -5.17 23.41
CA ARG E 350 28.63 -6.40 24.11
C ARG E 350 27.48 -7.40 24.03
N ARG E 351 26.24 -6.92 24.14
CA ARG E 351 25.10 -7.82 24.00
C ARG E 351 25.04 -8.45 22.61
N ILE E 352 25.27 -7.64 21.57
CA ILE E 352 25.20 -8.15 20.21
C ILE E 352 26.27 -9.22 20.00
N THR E 353 27.51 -8.91 20.36
CA THR E 353 28.58 -9.88 20.15
C THR E 353 28.40 -11.11 21.05
N ARG E 354 27.83 -10.93 22.24
CA ARG E 354 27.57 -12.07 23.12
C ARG E 354 26.55 -13.02 22.51
N MET E 355 25.47 -12.47 21.94
CA MET E 355 24.45 -13.34 21.36
C MET E 355 24.98 -14.03 20.11
N VAL E 356 25.79 -13.32 19.32
CA VAL E 356 26.42 -13.95 18.16
C VAL E 356 27.31 -15.10 18.60
N LEU E 357 28.15 -14.86 19.61
CA LEU E 357 29.06 -15.90 20.07
C LEU E 357 28.31 -17.08 20.65
N VAL E 358 27.21 -16.83 21.38
CA VAL E 358 26.47 -17.95 21.95
C VAL E 358 25.80 -18.76 20.85
N VAL E 359 25.33 -18.11 19.78
CA VAL E 359 24.76 -18.86 18.66
C VAL E 359 25.80 -19.78 18.05
N VAL E 360 26.99 -19.23 17.75
CA VAL E 360 28.03 -20.05 17.13
C VAL E 360 28.46 -21.17 18.06
N ALA E 361 28.58 -20.87 19.36
CA ALA E 361 29.01 -21.88 20.32
C ALA E 361 27.99 -23.00 20.45
N VAL E 362 26.69 -22.66 20.45
CA VAL E 362 25.65 -23.68 20.49
C VAL E 362 25.75 -24.57 19.28
N PHE E 363 25.91 -23.98 18.09
CA PHE E 363 26.05 -24.80 16.88
C PHE E 363 27.23 -25.75 16.98
N ILE E 364 28.39 -25.22 17.40
CA ILE E 364 29.60 -26.06 17.48
C ILE E 364 29.40 -27.18 18.48
N VAL E 365 28.97 -26.84 19.70
CA VAL E 365 28.86 -27.84 20.75
C VAL E 365 27.78 -28.86 20.44
N CYS E 366 26.82 -28.51 19.60
CA CYS E 366 25.75 -29.44 19.29
C CYS E 366 26.06 -30.33 18.10
N TRP E 367 26.85 -29.87 17.13
CA TRP E 367 27.11 -30.71 15.96
C TRP E 367 28.47 -31.38 15.95
N THR E 368 29.45 -30.88 16.72
CA THR E 368 30.76 -31.53 16.74
C THR E 368 30.73 -32.96 17.29
N PRO E 369 30.07 -33.26 18.41
CA PRO E 369 30.17 -34.61 18.97
C PRO E 369 29.71 -35.70 18.03
N ILE E 370 28.55 -35.54 17.40
CA ILE E 370 28.02 -36.60 16.55
C ILE E 370 28.92 -36.83 15.34
N HIS E 371 29.40 -35.73 14.73
CA HIS E 371 30.26 -35.80 13.53
C HIS E 371 31.56 -36.52 13.89
N ILE E 372 32.22 -36.14 15.00
CA ILE E 372 33.48 -36.77 15.36
C ILE E 372 33.25 -38.24 15.74
N TYR E 373 32.11 -38.53 16.38
CA TYR E 373 31.81 -39.92 16.73
C TYR E 373 31.62 -40.76 15.48
N VAL E 374 30.93 -40.22 14.47
CA VAL E 374 30.73 -40.96 13.22
C VAL E 374 32.08 -41.22 12.55
N ILE E 375 32.94 -40.21 12.51
CA ILE E 375 34.24 -40.39 11.85
C ILE E 375 35.07 -41.44 12.57
N ILE E 376 35.13 -41.37 13.91
CA ILE E 376 35.94 -42.35 14.63
C ILE E 376 35.34 -43.75 14.51
N LYS E 377 34.01 -43.86 14.47
CA LYS E 377 33.40 -45.17 14.28
C LYS E 377 33.73 -45.73 12.91
N ALA E 378 33.71 -44.89 11.87
CA ALA E 378 34.04 -45.36 10.53
C ALA E 378 35.53 -45.66 10.37
N LEU E 379 36.39 -45.06 11.19
CA LEU E 379 37.83 -45.24 11.05
C LEU E 379 38.36 -46.38 11.92
N ILE E 380 38.20 -46.27 13.23
CA ILE E 380 38.75 -47.24 14.17
C ILE E 380 37.62 -48.06 14.75
N THR E 381 37.82 -49.38 14.82
CA THR E 381 36.79 -50.27 15.33
C THR E 381 36.52 -49.98 16.81
N ILE E 382 35.24 -50.04 17.17
CA ILE E 382 34.79 -49.80 18.55
C ILE E 382 33.95 -51.00 18.96
N PRO E 383 34.29 -51.71 20.03
CA PRO E 383 33.48 -52.86 20.43
C PRO E 383 32.27 -52.48 21.26
N GLU E 384 31.23 -53.29 21.15
CA GLU E 384 29.96 -53.00 21.80
C GLU E 384 30.08 -53.09 23.31
N THR E 385 29.46 -52.14 23.99
CA THR E 385 29.37 -52.14 25.45
C THR E 385 28.24 -51.21 25.85
N THR E 386 27.95 -51.16 27.15
CA THR E 386 26.91 -50.27 27.63
C THR E 386 27.30 -48.81 27.51
N PHE E 387 28.57 -48.51 27.26
CA PHE E 387 29.04 -47.14 27.21
C PHE E 387 28.99 -46.55 25.81
N GLN E 388 29.27 -47.34 24.78
CA GLN E 388 29.27 -46.80 23.42
C GLN E 388 27.86 -46.45 22.97
N THR E 389 26.87 -47.25 23.35
CA THR E 389 25.51 -47.00 22.88
C THR E 389 24.91 -45.75 23.54
N VAL E 390 25.13 -45.58 24.84
CA VAL E 390 24.62 -44.40 25.51
C VAL E 390 25.32 -43.15 25.01
N SER E 391 26.63 -43.24 24.73
CA SER E 391 27.35 -42.10 24.17
C SER E 391 26.83 -41.74 22.78
N TRP E 392 26.59 -42.75 21.94
CA TRP E 392 26.07 -42.48 20.60
C TRP E 392 24.70 -41.84 20.66
N HIS E 393 23.82 -42.36 21.52
CA HIS E 393 22.49 -41.77 21.64
C HIS E 393 22.56 -40.37 22.24
N PHE E 394 23.52 -40.11 23.14
CA PHE E 394 23.71 -38.77 23.65
C PHE E 394 24.14 -37.81 22.56
N CYS E 395 25.03 -38.27 21.66
CA CYS E 395 25.45 -37.42 20.55
C CYS E 395 24.27 -37.11 19.62
N ILE E 396 23.44 -38.11 19.34
CA ILE E 396 22.24 -37.85 18.53
C ILE E 396 21.32 -36.87 19.24
N ALA E 397 21.19 -37.02 20.57
CA ALA E 397 20.36 -36.12 21.35
C ALA E 397 20.85 -34.68 21.25
N LEU E 398 22.17 -34.48 21.30
CA LEU E 398 22.72 -33.14 21.14
C LEU E 398 22.49 -32.61 19.72
N GLY E 399 22.62 -33.48 18.72
CA GLY E 399 22.38 -33.06 17.36
C GLY E 399 20.99 -32.47 17.17
N TYR E 400 19.98 -33.15 17.73
CA TYR E 400 18.64 -32.57 17.70
C TYR E 400 18.42 -31.50 18.77
N THR E 401 19.27 -31.45 19.78
CA THR E 401 19.19 -30.39 20.77
C THR E 401 19.50 -29.05 20.14
N ASN E 402 20.40 -29.04 19.16
CA ASN E 402 20.58 -27.80 18.38
C ASN E 402 19.26 -27.34 17.79
N SER E 403 18.52 -28.26 17.17
CA SER E 403 17.26 -27.88 16.54
C SER E 403 16.25 -27.37 17.55
N CYS E 404 16.16 -28.03 18.71
CA CYS E 404 15.16 -27.60 19.68
C CYS E 404 15.54 -26.28 20.35
N LEU E 405 16.83 -26.04 20.58
CA LEU E 405 17.30 -24.82 21.22
C LEU E 405 17.46 -23.67 20.24
N ASN E 406 17.40 -23.94 18.94
CA ASN E 406 17.62 -22.90 17.93
C ASN E 406 16.61 -21.77 18.00
N PRO E 407 15.29 -22.00 18.12
CA PRO E 407 14.36 -20.87 18.20
C PRO E 407 14.49 -20.05 19.47
N VAL E 408 15.09 -20.59 20.53
CA VAL E 408 15.42 -19.76 21.68
C VAL E 408 16.44 -18.70 21.29
N LEU E 409 17.44 -19.08 20.51
CA LEU E 409 18.50 -18.16 20.12
C LEU E 409 18.04 -17.20 19.03
N TYR E 410 17.25 -17.68 18.07
CA TYR E 410 16.95 -16.91 16.87
C TYR E 410 15.57 -16.25 16.88
N ALA E 411 14.69 -16.62 17.80
CA ALA E 411 13.37 -16.02 17.86
C ALA E 411 13.13 -15.25 19.16
N PHE E 412 13.37 -15.89 20.30
CA PHE E 412 13.13 -15.25 21.59
C PHE E 412 14.27 -14.32 22.01
N LEU E 413 15.36 -14.27 21.26
CA LEU E 413 16.42 -13.30 21.49
C LEU E 413 16.41 -12.20 20.44
N ASP E 414 15.31 -12.07 19.70
CA ASP E 414 15.17 -11.07 18.65
C ASP E 414 14.34 -9.91 19.20
N GLU E 415 14.91 -8.71 19.15
CA GLU E 415 14.22 -7.54 19.68
C GLU E 415 12.97 -7.16 18.89
N ASN E 416 12.79 -7.71 17.69
CA ASN E 416 11.52 -7.53 17.01
C ASN E 416 10.43 -8.39 17.62
N PHE E 417 10.78 -9.57 18.14
CA PHE E 417 9.80 -10.41 18.82
C PHE E 417 9.47 -9.88 20.20
N LYS E 418 10.34 -9.04 20.76
CA LYS E 418 10.08 -8.41 22.06
C LYS E 418 9.23 -7.15 21.89
N ARG E 419 8.11 -7.31 21.20
CA ARG E 419 7.21 -6.21 20.91
C ARG E 419 5.86 -6.74 20.40
C02 8QY F . 20.34 -40.97 12.75
C04 8QY F . 19.24 -43.33 12.61
C05 8QY F . 18.20 -43.85 11.55
C06 8QY F . 16.82 -43.22 11.49
C07 8QY F . 16.51 -42.01 10.91
C09 8QY F . 14.48 -43.00 11.84
C10 8QY F . 15.57 -43.78 12.03
C11 8QY F . 18.98 -44.13 13.91
C13 8QY F . 21.39 -38.63 12.90
C14 8QY F . 21.53 -37.85 11.52
C15 8QY F . 22.89 -37.05 11.39
C16 8QY F . 24.08 -37.69 10.67
C17 8QY F . 24.16 -39.06 10.43
C18 8QY F . 25.25 -39.65 9.77
C19 8QY F . 26.30 -38.84 9.34
C21 8QY F . 26.25 -37.47 9.58
C22 8QY F . 25.15 -36.92 10.23
C24 8QY F . 20.35 -35.91 12.41
C25 8QY F . 20.24 -36.35 10.06
N03 8QY F . 19.23 -41.87 12.92
N12 8QY F . 20.25 -39.58 13.06
N23 8QY F . 20.33 -36.98 11.39
O01 8QY F . 21.40 -41.42 12.32
O20 8QY F . 27.39 -39.33 8.70
S08 8QY F . 14.86 -41.57 11.00
#